data_6PW9
#
_entry.id   6PW9
#
loop_
_entity.id
_entity.type
_entity.pdbx_description
1 polymer 'N-alpha-acetyltransferase 50'
2 polymer 'N-alpha-acetyltransferase 15, NatA auxiliary subunit'
3 polymer 'N-alpha-acetyltransferase 10'
4 polymer 'Huntingtin-interacting protein K'
5 non-polymer 'INOSITOL HEXAKISPHOSPHATE'
6 non-polymer 'ACETYL COENZYME *A'
#
loop_
_entity_poly.entity_id
_entity_poly.type
_entity_poly.pdbx_seq_one_letter_code
_entity_poly.pdbx_strand_id
1 'polypeptide(L)'
;MKGSRIELGDVTPHNIKQLKRLNQVIFPVSYNDKFYKDVLEVGELAKLAYFNDIAVGAVCCRVDHSQNQKRLYIMTLGCL
APYRRLGIGTKMLNHVLNICEKDGTFDNIYLHVQISNESAIDFYRKFGFEIIETKKNYYKRIEPADAHVLQKNLKVPSGQ
NADVQKTDN
;
A
2 'polypeptide(L)'
;MPAVSLPPKENALFKRILRCYEHKQYRNGLKFCKQILSNPKFAEHGETLAMKGLTLNCLGKKEEAYELVRRGLRNDLKSH
VCWHVYGLLQRSDKKYDEAIKCYRNALKWDKDNLQILRDLSLLQIQMRDLEGYRETRYQLLQLRPAQRASWIGYAIAYHL
LEDYEMAAKILEEFRKTQQTSPDKVDYEYSELLLYQNQVLREAGLYREALEHLCTYEKQICDKLAVEETKGELLLQLCRL
EDAADVYRGLQERNPENWAYYKGLEKALKPANMLERLKIYEEAWTKYPRGLVPRRLPLNFLSGEKFKECLDKFLRMNFSK
GCPPVFNTLRSLYKDKEKVAIIEELVVGYETSLKSCRLFNPNDDGKEEPPTTLLWVQYYLAQHYDKIGQPSIALEYINTA
IESTPTLIELFLVKAKIYKHAGNIKEAARWMDEAQALDTADRFINSKCAKYMLKANLIKEAEEMCSKFTREGTSAVENLN
EMQCMWFQTECAQAYKAMNKFGEALKKCHEIERHFIEITDDQFDFHTYCMRKITLRSYVDLLKLEDVLRQHPFYFKAARI
AIEIYLKLHDNPLTDENKEHEADTANMSDKELKKLRNKQRRAQKKAQIEEEKKNAEKEKQQRNQKKKKDDDDEEIGGPKE
ELIPEKLAKVETPLEEAIKFLTPLKNLVKNKIETHLFAFEIYFRKEKFLLMLQSVKRAFAIDSSHPWLHECMIRLFNTAV
CESKDLSDTVRTVLKQEMNRLFGATNPKNFNETFLKRNSDSLPHRLSAAKMVYYLDPSSQKRAIELATTLDESLTNRNLQ
TCMEVLEALYDGSLGDCKEAAEIYRANCHKLFPYALAFMPPGYEEDMKITVNGDSSAEAEELANEI
;
B
3 'polypeptide(L)'
;(ACE)MNIRNARPEDLMNMQHCNLLCLPENYQMKYYFYHGLSWPQLSYIAEDENGKIVGYVLAKMEEDPDDVPHGHITSL
AVKRSHRRLGLAQKLMDQASRAMIENFNAKYVSLHVRKSNRAALHLYSNTLNFQISEVEPKYYADGEDAYAMKRDLTQMA
DELRRHLELKEKGRHVVLGAIENKVESKGNSPPSSGEACREEKGLAAEDSGGDSKDLSEVSETTESTDVKDSSEASDSAS
;
C
4 'polypeptide(L)'
;MRRRGEIDMATEGDVELELETETSGPERPPEKPRKHDSGAADLERVTDYAEEKEIQSSNLETAMSVIGDRRSREQKAKQE
REKELAKVTIKKEDLELIMTEMEISRAAAERSLREHMGNVVEALIALTN
;
D
#
loop_
_chem_comp.id
_chem_comp.type
_chem_comp.name
_chem_comp.formula
ACE non-polymer 'ACETYL GROUP' 'C2 H4 O'
ACO non-polymer 'ACETYL COENZYME *A' 'C23 H38 N7 O17 P3 S'
IHP non-polymer 'INOSITOL HEXAKISPHOSPHATE' 'C6 H18 O24 P6'
#
# COMPACT_ATOMS: atom_id res chain seq x y z
N MET A 1 -4.81 35.01 -19.45
CA MET A 1 -3.70 34.25 -18.88
C MET A 1 -4.17 33.44 -17.67
N LYS A 2 -4.90 34.11 -16.78
CA LYS A 2 -5.40 33.47 -15.57
C LYS A 2 -6.74 32.79 -15.85
N GLY A 3 -6.99 31.70 -15.14
CA GLY A 3 -8.18 30.90 -15.34
C GLY A 3 -8.07 29.84 -16.40
N SER A 4 -7.16 29.98 -17.35
CA SER A 4 -6.95 28.99 -18.39
C SER A 4 -5.88 28.00 -17.97
N ARG A 5 -5.95 26.79 -18.54
CA ARG A 5 -5.08 25.69 -18.17
C ARG A 5 -4.20 25.22 -19.34
N ILE A 6 -3.54 26.14 -20.04
CA ILE A 6 -2.75 25.81 -21.22
C ILE A 6 -1.28 25.90 -20.85
N GLU A 7 -0.54 24.83 -21.12
CA GLU A 7 0.91 24.83 -20.97
C GLU A 7 1.55 24.04 -22.10
N LEU A 8 2.68 24.55 -22.60
CA LEU A 8 3.38 23.83 -23.65
C LEU A 8 4.35 22.82 -23.06
N GLY A 9 4.79 21.90 -23.91
CA GLY A 9 5.63 20.80 -23.49
C GLY A 9 6.57 20.30 -24.56
N ASP A 10 7.75 19.88 -24.13
CA ASP A 10 8.80 19.41 -25.02
C ASP A 10 8.54 17.97 -25.42
N VAL A 11 9.02 17.61 -26.61
CA VAL A 11 9.01 16.22 -27.06
C VAL A 11 10.30 15.58 -26.56
N THR A 12 10.15 14.71 -25.55
CA THR A 12 11.33 13.97 -25.00
C THR A 12 11.40 12.59 -25.65
N PRO A 13 12.42 11.75 -25.35
CA PRO A 13 12.54 10.43 -25.96
C PRO A 13 11.46 9.47 -25.43
N HIS A 14 10.97 9.71 -24.21
CA HIS A 14 9.97 8.82 -23.57
C HIS A 14 8.53 9.20 -23.97
N ASN A 15 8.34 10.29 -24.71
CA ASN A 15 6.99 10.69 -25.07
C ASN A 15 6.78 10.68 -26.58
N ILE A 16 7.16 9.61 -27.25
CA ILE A 16 7.11 9.59 -28.72
C ILE A 16 5.75 9.07 -29.20
N LYS A 17 5.27 8.00 -28.57
CA LYS A 17 4.08 7.32 -29.08
C LYS A 17 2.80 8.12 -28.83
N GLN A 18 2.81 9.05 -27.88
CA GLN A 18 1.65 9.93 -27.72
C GLN A 18 1.60 10.97 -28.83
N LEU A 19 2.78 11.44 -29.27
CA LEU A 19 2.87 12.28 -30.45
C LEU A 19 2.42 11.52 -31.70
N LYS A 20 2.84 10.24 -31.80
CA LYS A 20 2.34 9.33 -32.81
C LYS A 20 0.81 9.27 -32.82
N ARG A 21 0.21 9.00 -31.66
CA ARG A 21 -1.23 8.76 -31.60
C ARG A 21 -2.02 10.04 -31.85
N LEU A 22 -1.46 11.21 -31.54
CA LEU A 22 -2.18 12.43 -31.87
C LEU A 22 -2.10 12.73 -33.36
N ASN A 23 -0.90 12.64 -33.97
CA ASN A 23 -0.88 13.03 -35.38
C ASN A 23 -1.22 11.89 -36.34
N GLN A 24 -1.55 10.69 -35.84
CA GLN A 24 -2.24 9.74 -36.70
C GLN A 24 -3.71 10.13 -36.90
N VAL A 25 -4.28 10.88 -35.97
CA VAL A 25 -5.72 11.10 -35.98
C VAL A 25 -6.12 12.54 -36.28
N ILE A 26 -5.24 13.51 -36.09
CA ILE A 26 -5.65 14.89 -36.34
C ILE A 26 -5.73 15.21 -37.83
N PHE A 27 -4.88 14.58 -38.66
CA PHE A 27 -4.88 14.86 -40.09
C PHE A 27 -4.92 13.53 -40.84
N PRO A 28 -5.70 13.42 -41.92
CA PRO A 28 -6.00 12.09 -42.48
C PRO A 28 -4.84 11.41 -43.19
N VAL A 29 -3.79 12.13 -43.59
CA VAL A 29 -2.66 11.48 -44.25
C VAL A 29 -1.64 11.08 -43.18
N SER A 30 -0.90 10.00 -43.44
CA SER A 30 0.12 9.49 -42.53
C SER A 30 1.41 9.27 -43.31
N TYR A 31 2.54 9.56 -42.69
CA TYR A 31 3.84 9.38 -43.30
C TYR A 31 4.65 8.41 -42.44
N ASN A 32 5.78 7.95 -42.98
CA ASN A 32 6.60 6.93 -42.34
C ASN A 32 7.37 7.50 -41.14
N ASP A 33 8.25 6.68 -40.57
CA ASP A 33 8.85 6.96 -39.28
C ASP A 33 9.98 7.97 -39.33
N LYS A 34 10.56 8.23 -40.51
CA LYS A 34 11.68 9.17 -40.58
C LYS A 34 11.21 10.61 -40.40
N PHE A 35 9.92 10.88 -40.65
CA PHE A 35 9.26 12.09 -40.17
C PHE A 35 9.43 12.23 -38.65
N TYR A 36 9.18 11.15 -37.93
CA TYR A 36 9.25 11.18 -36.47
C TYR A 36 10.68 11.16 -35.96
N LYS A 37 11.63 10.68 -36.77
CA LYS A 37 13.03 10.88 -36.47
C LYS A 37 13.49 12.30 -36.73
N ASP A 38 12.92 12.96 -37.74
CA ASP A 38 13.29 14.35 -38.04
C ASP A 38 12.73 15.31 -36.99
N VAL A 39 11.57 14.99 -36.40
CA VAL A 39 11.00 15.93 -35.42
C VAL A 39 11.63 15.82 -34.04
N LEU A 40 12.68 15.00 -33.87
CA LEU A 40 13.24 14.75 -32.54
C LEU A 40 14.40 15.67 -32.20
N GLU A 41 15.46 15.71 -33.02
CA GLU A 41 16.68 16.38 -32.63
C GLU A 41 16.64 17.90 -32.81
N VAL A 42 15.52 18.46 -33.26
CA VAL A 42 15.41 19.90 -33.42
C VAL A 42 15.30 20.64 -32.09
N GLY A 43 14.99 19.95 -31.01
CA GLY A 43 14.97 20.54 -29.69
C GLY A 43 13.74 21.36 -29.39
N GLU A 44 13.93 22.66 -29.13
CA GLU A 44 12.85 23.55 -28.75
C GLU A 44 12.03 24.04 -29.93
N LEU A 45 12.34 23.60 -31.14
CA LEU A 45 11.69 24.07 -32.35
C LEU A 45 10.39 23.32 -32.67
N ALA A 46 10.16 22.18 -32.01
CA ALA A 46 8.96 21.38 -32.27
C ALA A 46 8.41 20.92 -30.92
N LYS A 47 7.20 21.38 -30.57
CA LYS A 47 6.65 21.12 -29.25
C LYS A 47 5.14 20.86 -29.35
N LEU A 48 4.56 20.45 -28.23
CA LEU A 48 3.13 20.17 -28.17
C LEU A 48 2.51 21.00 -27.04
N ALA A 49 1.19 20.93 -26.91
CA ALA A 49 0.43 21.84 -26.06
C ALA A 49 -0.65 21.07 -25.32
N TYR A 50 -0.64 21.22 -23.99
CA TYR A 50 -1.55 20.55 -23.07
C TYR A 50 -2.58 21.52 -22.56
N PHE A 51 -3.86 21.19 -22.77
CA PHE A 51 -4.98 21.89 -22.18
C PHE A 51 -5.55 21.02 -21.08
N ASN A 52 -5.59 21.55 -19.85
CA ASN A 52 -6.06 20.87 -18.63
C ASN A 52 -5.24 19.58 -18.39
N ASP A 53 -3.93 19.68 -18.68
CA ASP A 53 -2.92 18.65 -18.46
C ASP A 53 -3.22 17.35 -19.21
N ILE A 54 -3.92 17.43 -20.34
CA ILE A 54 -4.03 16.32 -21.28
C ILE A 54 -3.69 16.86 -22.67
N ALA A 55 -3.05 16.02 -23.48
CA ALA A 55 -2.45 16.46 -24.73
C ALA A 55 -3.52 16.78 -25.76
N VAL A 56 -3.49 17.99 -26.29
CA VAL A 56 -4.45 18.38 -27.31
C VAL A 56 -3.76 18.77 -28.61
N GLY A 57 -2.83 19.73 -28.54
CA GLY A 57 -2.31 20.33 -29.74
C GLY A 57 -0.83 20.04 -29.91
N ALA A 58 -0.33 20.34 -31.10
CA ALA A 58 1.09 20.16 -31.40
C ALA A 58 1.46 21.00 -32.61
N VAL A 59 2.72 21.46 -32.64
CA VAL A 59 3.32 22.10 -33.81
C VAL A 59 4.74 21.58 -33.98
N CYS A 60 5.02 21.03 -35.16
CA CYS A 60 6.40 20.73 -35.51
C CYS A 60 6.74 21.40 -36.82
N CYS A 61 8.01 21.78 -36.96
CA CYS A 61 8.50 22.67 -38.01
C CYS A 61 9.84 22.14 -38.53
N ARG A 62 10.27 22.67 -39.69
CA ARG A 62 11.52 22.27 -40.31
C ARG A 62 12.25 23.51 -40.81
N VAL A 63 13.47 23.27 -41.30
CA VAL A 63 14.31 24.31 -41.91
C VAL A 63 14.54 23.93 -43.36
N ASP A 64 14.22 24.84 -44.28
CA ASP A 64 14.37 24.59 -45.70
C ASP A 64 15.38 25.56 -46.32
N HIS A 65 15.94 25.15 -47.46
CA HIS A 65 16.89 25.94 -48.22
C HIS A 65 16.55 25.80 -49.70
N SER A 66 15.69 26.69 -50.20
CA SER A 66 15.29 26.68 -51.60
C SER A 66 14.81 28.07 -51.98
N GLN A 67 14.83 28.34 -53.30
CA GLN A 67 14.37 29.59 -53.91
C GLN A 67 15.09 30.80 -53.33
N ASN A 68 16.44 30.78 -53.43
CA ASN A 68 17.42 31.80 -53.01
C ASN A 68 17.11 32.46 -51.66
N GLN A 69 16.58 31.69 -50.71
CA GLN A 69 16.22 32.18 -49.39
C GLN A 69 16.54 31.09 -48.37
N LYS A 70 16.51 31.48 -47.09
CA LYS A 70 16.73 30.56 -45.98
C LYS A 70 15.41 30.45 -45.24
N ARG A 71 14.66 29.39 -45.52
CA ARG A 71 13.23 29.34 -45.26
C ARG A 71 12.90 28.43 -44.09
N LEU A 72 11.75 28.70 -43.48
CA LEU A 72 11.20 27.87 -42.40
C LEU A 72 9.80 27.38 -42.80
N TYR A 73 9.57 26.09 -42.61
CA TYR A 73 8.29 25.48 -42.95
C TYR A 73 7.77 24.71 -41.76
N ILE A 74 6.65 25.17 -41.20
CA ILE A 74 5.99 24.44 -40.13
C ILE A 74 5.42 23.15 -40.69
N MET A 75 5.91 22.01 -40.19
CA MET A 75 5.62 20.72 -40.79
C MET A 75 4.16 20.31 -40.56
N THR A 76 3.72 20.29 -39.30
CA THR A 76 2.30 20.09 -39.06
C THR A 76 1.81 20.87 -37.85
N LEU A 77 0.55 21.30 -37.98
CA LEU A 77 -0.33 21.76 -36.92
C LEU A 77 -1.22 20.60 -36.49
N GLY A 78 -1.48 20.51 -35.19
CA GLY A 78 -2.27 19.42 -34.65
C GLY A 78 -3.26 19.87 -33.61
N CYS A 79 -4.54 19.58 -33.85
CA CYS A 79 -5.66 20.02 -33.02
C CYS A 79 -6.86 19.15 -33.37
N LEU A 80 -7.91 19.24 -32.54
CA LEU A 80 -9.07 18.38 -32.71
C LEU A 80 -10.29 19.21 -33.03
N ALA A 81 -11.40 18.52 -33.26
CA ALA A 81 -12.68 19.15 -33.63
C ALA A 81 -13.44 19.83 -32.48
N PRO A 82 -13.72 19.17 -31.29
CA PRO A 82 -14.61 19.85 -30.33
C PRO A 82 -13.93 20.92 -29.50
N TYR A 83 -12.69 21.26 -29.81
CA TYR A 83 -11.89 22.16 -28.99
C TYR A 83 -11.54 23.43 -29.76
N ARG A 84 -12.31 23.74 -30.81
CA ARG A 84 -12.01 24.86 -31.69
C ARG A 84 -12.33 26.16 -30.97
N ARG A 85 -11.38 27.10 -31.07
CA ARG A 85 -11.33 28.39 -30.37
C ARG A 85 -11.38 28.21 -28.86
N LEU A 86 -10.89 27.08 -28.36
CA LEU A 86 -10.85 26.85 -26.92
C LEU A 86 -9.48 26.50 -26.38
N GLY A 87 -8.39 26.98 -26.99
CA GLY A 87 -7.10 26.78 -26.35
C GLY A 87 -5.98 26.14 -27.14
N ILE A 88 -6.01 26.20 -28.47
CA ILE A 88 -4.94 25.57 -29.23
C ILE A 88 -4.16 26.60 -30.07
N GLY A 89 -4.83 27.22 -31.04
CA GLY A 89 -4.14 27.84 -32.16
C GLY A 89 -3.31 29.07 -31.86
N THR A 90 -3.97 30.10 -31.33
CA THR A 90 -3.43 31.45 -31.27
C THR A 90 -2.16 31.54 -30.43
N LYS A 91 -2.21 31.01 -29.21
CA LYS A 91 -1.14 31.19 -28.23
C LYS A 91 0.13 30.42 -28.56
N MET A 92 0.07 29.17 -28.99
CA MET A 92 1.31 28.48 -29.32
C MET A 92 1.71 28.68 -30.78
N LEU A 93 0.82 29.20 -31.63
CA LEU A 93 1.28 29.73 -32.89
C LEU A 93 2.04 31.03 -32.67
N ASN A 94 1.62 31.83 -31.68
CA ASN A 94 2.43 32.97 -31.27
C ASN A 94 3.71 32.52 -30.58
N HIS A 95 3.71 31.34 -29.97
CA HIS A 95 4.98 30.79 -29.45
C HIS A 95 5.95 30.40 -30.55
N VAL A 96 5.46 29.81 -31.65
CA VAL A 96 6.42 29.51 -32.72
C VAL A 96 6.84 30.80 -33.42
N LEU A 97 5.94 31.80 -33.46
CA LEU A 97 6.32 33.13 -33.95
C LEU A 97 7.38 33.78 -33.08
N ASN A 98 7.26 33.68 -31.76
CA ASN A 98 8.22 34.42 -30.94
C ASN A 98 9.51 33.64 -30.70
N ILE A 99 9.53 32.32 -30.93
CA ILE A 99 10.86 31.69 -31.00
C ILE A 99 11.51 32.04 -32.33
N CYS A 100 10.72 32.16 -33.42
CA CYS A 100 11.25 32.59 -34.69
C CYS A 100 11.77 34.04 -34.63
N GLU A 101 11.17 34.87 -33.78
CA GLU A 101 11.63 36.23 -33.56
C GLU A 101 12.74 36.34 -32.53
N LYS A 102 12.84 35.42 -31.56
CA LYS A 102 13.95 35.48 -30.63
C LYS A 102 15.22 34.94 -31.26
N ASP A 103 15.09 34.15 -32.33
CA ASP A 103 16.24 33.91 -33.20
C ASP A 103 16.39 35.01 -34.23
N GLY A 104 15.37 35.23 -35.06
CA GLY A 104 15.26 36.43 -35.87
C GLY A 104 16.19 36.55 -37.05
N THR A 105 17.05 35.57 -37.30
CA THR A 105 18.05 35.67 -38.36
C THR A 105 17.60 34.98 -39.65
N PHE A 106 16.31 34.68 -39.80
CA PHE A 106 15.81 33.96 -40.96
C PHE A 106 14.89 34.85 -41.78
N ASP A 107 14.33 34.27 -42.84
CA ASP A 107 13.68 35.04 -43.89
C ASP A 107 12.15 35.02 -43.87
N ASN A 108 11.53 33.86 -43.72
CA ASN A 108 10.10 33.73 -43.95
C ASN A 108 9.57 32.44 -43.35
N ILE A 109 8.25 32.37 -43.21
CA ILE A 109 7.55 31.16 -42.82
C ILE A 109 6.42 30.91 -43.83
N TYR A 110 6.13 29.64 -44.08
CA TYR A 110 5.14 29.30 -45.09
C TYR A 110 4.52 27.94 -44.76
N LEU A 111 3.41 27.64 -45.44
CA LEU A 111 2.56 26.51 -45.11
C LEU A 111 1.83 26.03 -46.35
N HIS A 112 1.58 24.72 -46.41
CA HIS A 112 0.66 24.11 -47.36
C HIS A 112 -0.65 23.79 -46.65
N VAL A 113 -1.76 23.92 -47.37
CA VAL A 113 -3.08 23.70 -46.79
C VAL A 113 -4.04 23.23 -47.88
N GLN A 114 -5.11 22.56 -47.47
CA GLN A 114 -6.15 22.12 -48.39
C GLN A 114 -6.95 23.31 -48.92
N ILE A 115 -7.75 23.05 -49.96
CA ILE A 115 -8.59 24.09 -50.55
C ILE A 115 -10.01 24.07 -50.00
N SER A 116 -10.43 22.98 -49.35
CA SER A 116 -11.83 22.84 -48.95
C SER A 116 -12.12 23.45 -47.58
N ASN A 117 -11.12 23.60 -46.71
CA ASN A 117 -11.34 24.11 -45.36
C ASN A 117 -11.12 25.63 -45.37
N GLU A 118 -12.21 26.34 -45.66
CA GLU A 118 -12.16 27.80 -45.74
C GLU A 118 -12.03 28.45 -44.37
N SER A 119 -12.54 27.81 -43.31
CA SER A 119 -12.36 28.33 -41.97
C SER A 119 -10.89 28.29 -41.55
N ALA A 120 -10.14 27.30 -42.04
CA ALA A 120 -8.72 27.23 -41.75
C ALA A 120 -7.94 28.38 -42.38
N ILE A 121 -8.21 28.68 -43.65
CA ILE A 121 -7.48 29.78 -44.29
C ILE A 121 -7.97 31.13 -43.77
N ASP A 122 -9.21 31.21 -43.30
CA ASP A 122 -9.64 32.41 -42.57
C ASP A 122 -8.85 32.58 -41.28
N PHE A 123 -8.66 31.48 -40.53
CA PHE A 123 -7.92 31.55 -39.27
C PHE A 123 -6.45 31.84 -39.51
N TYR A 124 -5.91 31.44 -40.65
CA TYR A 124 -4.54 31.82 -40.98
C TYR A 124 -4.43 33.25 -41.48
N ARG A 125 -5.44 33.76 -42.20
CA ARG A 125 -5.43 35.15 -42.63
C ARG A 125 -5.78 36.13 -41.52
N LYS A 126 -6.23 35.64 -40.36
CA LYS A 126 -6.37 36.51 -39.20
C LYS A 126 -5.02 37.00 -38.68
N PHE A 127 -3.92 36.31 -38.99
CA PHE A 127 -2.60 36.72 -38.55
C PHE A 127 -1.74 37.31 -39.65
N GLY A 128 -2.13 37.17 -40.91
CA GLY A 128 -1.41 37.79 -42.00
C GLY A 128 -0.86 36.86 -43.06
N PHE A 129 -1.20 35.57 -43.01
CA PHE A 129 -0.77 34.63 -44.05
C PHE A 129 -1.50 34.91 -45.36
N GLU A 130 -0.86 35.61 -46.28
CA GLU A 130 -1.50 35.95 -47.55
C GLU A 130 -1.35 34.81 -48.55
N ILE A 131 -2.31 34.74 -49.47
CA ILE A 131 -2.31 33.70 -50.50
C ILE A 131 -1.52 34.18 -51.72
N ILE A 132 -0.55 33.37 -52.13
CA ILE A 132 0.19 33.65 -53.37
C ILE A 132 0.23 32.46 -54.32
N GLU A 133 0.05 31.22 -53.86
CA GLU A 133 0.22 30.07 -54.73
C GLU A 133 -0.94 29.09 -54.54
N THR A 134 -1.50 28.64 -55.64
CA THR A 134 -2.54 27.60 -55.67
C THR A 134 -2.01 26.47 -56.54
N LYS A 135 -1.48 25.43 -55.91
CA LYS A 135 -0.93 24.30 -56.65
C LYS A 135 -2.01 23.27 -56.94
N LYS A 136 -2.02 22.78 -58.17
CA LYS A 136 -3.03 21.85 -58.63
C LYS A 136 -2.55 20.42 -58.46
N ASN A 137 -3.41 19.58 -57.88
CA ASN A 137 -3.19 18.14 -57.67
C ASN A 137 -1.94 17.88 -56.84
N TYR A 138 -1.92 18.46 -55.64
CA TYR A 138 -0.85 18.23 -54.68
C TYR A 138 -1.13 17.05 -53.76
N TYR A 139 -2.35 16.93 -53.27
CA TYR A 139 -2.72 15.77 -52.46
C TYR A 139 -2.93 14.55 -53.36
N LYS A 140 -2.73 13.38 -52.79
CA LYS A 140 -2.56 12.17 -53.59
C LYS A 140 -3.74 11.21 -53.53
N ARG A 141 -4.48 11.17 -52.41
CA ARG A 141 -5.63 10.28 -52.33
C ARG A 141 -6.91 10.91 -51.79
N ILE A 142 -6.83 12.16 -51.31
CA ILE A 142 -8.02 12.84 -50.74
C ILE A 142 -8.84 13.48 -51.86
N GLU A 143 -10.05 13.95 -51.53
CA GLU A 143 -10.95 14.60 -52.53
C GLU A 143 -10.54 15.99 -53.04
N PRO A 144 -9.99 16.88 -52.19
CA PRO A 144 -9.54 18.20 -52.64
C PRO A 144 -8.11 17.86 -53.06
N ALA A 145 -7.91 17.60 -54.36
CA ALA A 145 -6.60 17.21 -54.91
C ALA A 145 -5.75 18.47 -55.10
N ASP A 146 -6.25 19.62 -54.62
CA ASP A 146 -5.47 20.84 -54.82
C ASP A 146 -5.03 21.40 -53.47
N ALA A 147 -4.12 22.38 -53.52
CA ALA A 147 -3.58 22.94 -52.29
C ALA A 147 -3.31 24.42 -52.45
N HIS A 148 -3.34 25.14 -51.33
CA HIS A 148 -2.88 26.52 -51.27
C HIS A 148 -1.59 26.61 -50.46
N VAL A 149 -0.82 27.66 -50.74
CA VAL A 149 0.42 27.96 -50.02
C VAL A 149 0.28 29.34 -49.40
N LEU A 150 0.47 29.42 -48.09
CA LEU A 150 0.39 30.67 -47.34
C LEU A 150 1.78 31.00 -46.81
N GLN A 151 2.07 32.30 -46.64
CA GLN A 151 3.43 32.72 -46.34
C GLN A 151 3.43 34.12 -45.71
N LYS A 152 4.23 34.28 -44.67
CA LYS A 152 4.64 35.60 -44.19
C LYS A 152 6.15 35.75 -44.25
N ASN A 153 6.60 37.00 -44.38
CA ASN A 153 8.01 37.35 -44.41
C ASN A 153 8.44 37.90 -43.05
N LEU A 154 9.75 37.94 -42.85
CA LEU A 154 10.33 38.44 -41.61
C LEU A 154 11.11 39.72 -41.81
N LYS A 155 12.06 39.73 -42.74
CA LYS A 155 12.92 40.89 -42.96
C LYS A 155 12.24 41.91 -43.87
N ASN B 113 37.04 -9.93 31.87
CA ASN B 113 36.95 -9.37 30.52
C ASN B 113 35.52 -8.88 30.27
N LEU B 114 35.40 -7.75 29.57
CA LEU B 114 34.12 -7.08 29.38
C LEU B 114 33.48 -7.40 28.02
N GLN B 115 34.31 -7.65 27.00
CA GLN B 115 33.77 -7.93 25.67
C GLN B 115 33.04 -9.27 25.63
N ILE B 116 33.50 -10.24 26.43
CA ILE B 116 32.85 -11.54 26.47
C ILE B 116 31.46 -11.45 27.10
N LEU B 117 31.30 -10.60 28.12
CA LEU B 117 29.99 -10.47 28.75
C LEU B 117 29.07 -9.54 27.96
N ARG B 118 29.62 -8.58 27.21
CA ARG B 118 28.81 -7.84 26.25
C ARG B 118 28.31 -8.76 25.14
N ASP B 119 29.17 -9.67 24.67
CA ASP B 119 28.77 -10.63 23.64
C ASP B 119 27.74 -11.61 24.18
N LEU B 120 27.88 -12.00 25.45
CA LEU B 120 26.86 -12.85 26.08
C LEU B 120 25.53 -12.13 26.21
N SER B 121 25.56 -10.84 26.55
CA SER B 121 24.33 -10.06 26.63
C SER B 121 23.66 -9.92 25.26
N LEU B 122 24.44 -9.73 24.20
CA LEU B 122 23.86 -9.66 22.87
C LEU B 122 23.35 -11.00 22.36
N LEU B 123 24.03 -12.11 22.67
CA LEU B 123 23.51 -13.40 22.24
C LEU B 123 22.33 -13.87 23.08
N GLN B 124 22.19 -13.35 24.31
CA GLN B 124 21.02 -13.68 25.12
C GLN B 124 19.84 -12.75 24.86
N ILE B 125 20.06 -11.54 24.36
CA ILE B 125 18.94 -10.79 23.80
C ILE B 125 18.62 -11.28 22.40
N GLN B 126 19.55 -12.03 21.78
CA GLN B 126 19.25 -12.66 20.50
C GLN B 126 18.26 -13.82 20.66
N MET B 127 18.54 -14.74 21.59
CA MET B 127 17.74 -15.95 21.75
C MET B 127 16.62 -15.80 22.78
N ARG B 128 16.41 -14.59 23.32
CA ARG B 128 15.22 -14.21 24.09
C ARG B 128 15.07 -14.99 25.40
N ASP B 129 16.20 -15.32 26.04
CA ASP B 129 16.17 -15.75 27.44
C ASP B 129 16.41 -14.51 28.28
N LEU B 130 15.36 -14.07 28.97
CA LEU B 130 15.28 -12.68 29.42
C LEU B 130 16.02 -12.48 30.73
N GLU B 131 15.69 -13.27 31.75
CA GLU B 131 16.27 -13.04 33.07
C GLU B 131 17.72 -13.52 33.16
N GLY B 132 18.18 -14.35 32.22
CA GLY B 132 19.60 -14.64 32.13
C GLY B 132 20.41 -13.44 31.67
N TYR B 133 19.93 -12.77 30.62
CA TYR B 133 20.40 -11.44 30.22
C TYR B 133 20.33 -10.44 31.37
N ARG B 134 19.28 -10.51 32.18
CA ARG B 134 19.18 -9.61 33.33
C ARG B 134 20.25 -9.92 34.38
N GLU B 135 20.51 -11.19 34.64
CA GLU B 135 21.51 -11.58 35.63
C GLU B 135 22.91 -11.17 35.17
N THR B 136 23.23 -11.44 33.89
CA THR B 136 24.54 -11.04 33.40
C THR B 136 24.67 -9.54 33.19
N ARG B 137 23.57 -8.78 33.12
CA ARG B 137 23.65 -7.32 33.09
C ARG B 137 23.73 -6.70 34.48
N TYR B 138 23.12 -7.32 35.48
CA TYR B 138 23.46 -6.96 36.85
C TYR B 138 24.90 -7.33 37.21
N GLN B 139 25.48 -8.33 36.54
CA GLN B 139 26.93 -8.53 36.64
C GLN B 139 27.71 -7.30 36.13
N LEU B 140 27.22 -6.64 35.07
CA LEU B 140 27.81 -5.35 34.69
C LEU B 140 27.59 -4.29 35.75
N LEU B 141 26.43 -4.30 36.40
CA LEU B 141 26.15 -3.31 37.44
C LEU B 141 27.03 -3.46 38.69
N GLN B 142 27.26 -4.67 39.19
CA GLN B 142 28.25 -4.79 40.25
C GLN B 142 29.67 -4.78 39.71
N LEU B 143 29.85 -4.84 38.38
CA LEU B 143 31.14 -4.51 37.78
C LEU B 143 31.30 -2.99 37.70
N ARG B 144 30.28 -2.29 37.17
CA ARG B 144 30.34 -0.84 37.06
C ARG B 144 28.94 -0.24 37.12
N PRO B 145 28.73 0.80 37.93
CA PRO B 145 27.39 1.40 38.07
C PRO B 145 27.11 2.61 37.19
N ALA B 146 27.98 2.97 36.25
CA ALA B 146 27.91 4.28 35.61
C ALA B 146 27.58 4.25 34.12
N GLN B 147 27.41 3.07 33.52
CA GLN B 147 27.10 3.03 32.10
C GLN B 147 25.63 3.32 31.86
N ARG B 148 25.35 3.90 30.68
CA ARG B 148 23.96 4.15 30.30
C ARG B 148 23.28 2.88 29.82
N ALA B 149 24.04 1.99 29.16
CA ALA B 149 23.47 0.83 28.50
C ALA B 149 22.80 -0.14 29.46
N SER B 150 23.24 -0.15 30.72
CA SER B 150 22.51 -0.87 31.75
C SER B 150 21.12 -0.30 31.97
N TRP B 151 21.00 1.03 31.97
CA TRP B 151 19.70 1.65 32.20
C TRP B 151 18.79 1.50 30.98
N ILE B 152 19.37 1.55 29.78
CA ILE B 152 18.63 1.25 28.56
C ILE B 152 18.15 -0.20 28.57
N GLY B 153 19.01 -1.14 28.96
CA GLY B 153 18.60 -2.53 29.07
C GLY B 153 17.55 -2.77 30.13
N TYR B 154 17.60 -2.01 31.23
CA TYR B 154 16.57 -2.12 32.26
C TYR B 154 15.24 -1.60 31.76
N ALA B 155 15.26 -0.48 31.03
CA ALA B 155 14.04 0.10 30.48
C ALA B 155 13.40 -0.83 29.45
N ILE B 156 14.20 -1.40 28.55
CA ILE B 156 13.63 -2.28 27.55
C ILE B 156 13.17 -3.60 28.17
N ALA B 157 13.88 -4.08 29.21
CA ALA B 157 13.52 -5.34 29.84
C ALA B 157 12.23 -5.23 30.62
N TYR B 158 12.11 -4.24 31.52
CA TYR B 158 10.82 -4.09 32.18
C TYR B 158 9.79 -3.32 31.36
N HIS B 159 10.08 -3.00 30.10
CA HIS B 159 8.96 -2.76 29.18
C HIS B 159 8.45 -4.08 28.61
N LEU B 160 9.35 -5.00 28.28
CA LEU B 160 8.89 -6.29 27.76
C LEU B 160 8.65 -7.31 28.87
N LEU B 161 8.84 -6.95 30.14
CA LEU B 161 8.36 -7.75 31.26
C LEU B 161 7.12 -7.17 31.91
N GLU B 162 6.64 -6.00 31.43
CA GLU B 162 5.38 -5.38 31.82
C GLU B 162 5.28 -5.06 33.31
N ASP B 163 6.31 -4.43 33.87
CA ASP B 163 6.24 -3.82 35.21
C ASP B 163 6.65 -2.37 35.04
N TYR B 164 5.72 -1.46 35.32
CA TYR B 164 5.81 -0.08 34.87
C TYR B 164 5.86 0.93 36.01
N GLU B 165 5.10 0.68 37.09
CA GLU B 165 4.90 1.69 38.14
C GLU B 165 6.16 1.90 38.97
N MET B 166 6.98 0.86 39.13
CA MET B 166 8.28 0.99 39.78
C MET B 166 9.34 1.50 38.81
N ALA B 167 9.22 1.16 37.53
CA ALA B 167 10.11 1.70 36.51
C ALA B 167 9.94 3.21 36.36
N ALA B 168 8.78 3.74 36.75
CA ALA B 168 8.57 5.19 36.86
C ALA B 168 9.61 5.86 37.74
N LYS B 169 9.68 5.46 39.03
CA LYS B 169 10.63 6.07 39.94
C LYS B 169 12.07 5.68 39.62
N ILE B 170 12.28 4.51 39.00
CA ILE B 170 13.63 4.13 38.60
C ILE B 170 14.14 5.01 37.47
N LEU B 171 13.28 5.32 36.50
CA LEU B 171 13.72 6.23 35.45
C LEU B 171 13.80 7.67 35.95
N GLU B 172 13.03 8.03 36.99
CA GLU B 172 13.24 9.32 37.67
C GLU B 172 14.62 9.41 38.30
N GLU B 173 15.04 8.38 39.05
CA GLU B 173 16.36 8.44 39.66
C GLU B 173 17.50 8.18 38.67
N PHE B 174 17.19 7.72 37.45
CA PHE B 174 18.18 7.80 36.39
C PHE B 174 18.24 9.18 35.75
N ARG B 175 17.09 9.86 35.65
CA ARG B 175 17.06 11.24 35.16
C ARG B 175 17.79 12.17 36.12
N LYS B 176 17.81 11.83 37.41
CA LYS B 176 18.51 12.60 38.43
C LYS B 176 20.02 12.66 38.19
N THR B 177 20.62 11.60 37.62
CA THR B 177 22.07 11.53 37.52
C THR B 177 22.63 12.36 36.37
N GLN B 178 21.87 12.52 35.29
CA GLN B 178 22.38 13.10 34.05
C GLN B 178 22.17 14.60 33.93
N GLN B 179 21.51 15.24 34.91
CA GLN B 179 21.25 16.67 34.82
C GLN B 179 22.44 17.54 35.22
N THR B 180 23.45 16.96 35.87
CA THR B 180 24.56 17.74 36.40
C THR B 180 25.82 17.68 35.53
N SER B 181 25.76 17.05 34.37
CA SER B 181 26.93 16.96 33.50
C SER B 181 27.05 18.22 32.65
N PRO B 182 28.23 18.87 32.63
CA PRO B 182 28.35 20.14 31.89
C PRO B 182 28.54 19.98 30.38
N ASP B 183 28.85 18.79 29.89
CA ASP B 183 29.13 18.56 28.47
C ASP B 183 27.96 17.92 27.73
N LYS B 184 26.72 18.27 28.08
CA LYS B 184 25.58 17.45 27.75
C LYS B 184 24.76 18.07 26.63
N VAL B 185 24.15 17.22 25.80
CA VAL B 185 23.33 17.67 24.68
C VAL B 185 21.88 17.22 24.88
N ASP B 186 20.95 18.02 24.35
CA ASP B 186 19.59 18.13 24.87
C ASP B 186 18.60 17.09 24.31
N TYR B 187 18.81 16.65 23.07
CA TYR B 187 17.84 15.80 22.39
C TYR B 187 17.66 14.46 23.08
N GLU B 188 18.74 13.93 23.66
CA GLU B 188 18.72 12.61 24.29
C GLU B 188 17.85 12.61 25.54
N TYR B 189 18.04 13.60 26.43
CA TYR B 189 17.21 13.59 27.62
C TYR B 189 15.80 14.09 27.31
N SER B 190 15.61 14.82 26.20
CA SER B 190 14.26 15.17 25.76
C SER B 190 13.46 13.92 25.37
N GLU B 191 14.03 13.07 24.51
CA GLU B 191 13.33 11.84 24.18
C GLU B 191 13.35 10.85 25.34
N LEU B 192 14.27 10.99 26.30
CA LEU B 192 14.20 10.19 27.53
C LEU B 192 12.98 10.56 28.35
N LEU B 193 12.69 11.86 28.47
CA LEU B 193 11.46 12.29 29.14
C LEU B 193 10.22 11.88 28.37
N LEU B 194 10.32 11.83 27.04
CA LEU B 194 9.22 11.30 26.23
C LEU B 194 8.97 9.81 26.46
N TYR B 195 10.04 9.02 26.54
CA TYR B 195 9.90 7.60 26.85
C TYR B 195 9.39 7.39 28.27
N GLN B 196 9.75 8.31 29.17
CA GLN B 196 9.21 8.28 30.53
C GLN B 196 7.70 8.54 30.55
N ASN B 197 7.25 9.55 29.79
CA ASN B 197 5.82 9.80 29.70
C ASN B 197 5.09 8.65 29.01
N GLN B 198 5.77 7.95 28.10
CA GLN B 198 5.18 6.76 27.48
C GLN B 198 5.00 5.62 28.49
N VAL B 199 6.03 5.35 29.31
CA VAL B 199 5.93 4.23 30.24
C VAL B 199 5.00 4.58 31.41
N LEU B 200 4.91 5.85 31.82
CA LEU B 200 3.90 6.23 32.79
C LEU B 200 2.50 6.30 32.18
N ARG B 201 2.39 6.49 30.86
CA ARG B 201 1.09 6.43 30.21
C ARG B 201 0.56 5.00 30.20
N GLU B 202 1.40 4.04 29.84
CA GLU B 202 1.00 2.64 29.85
C GLU B 202 1.01 2.04 31.26
N ALA B 203 1.52 2.77 32.25
CA ALA B 203 1.53 2.28 33.63
C ALA B 203 0.15 2.23 34.27
N GLY B 204 -0.80 3.02 33.77
CA GLY B 204 -2.05 3.25 34.46
C GLY B 204 -2.04 4.44 35.39
N LEU B 205 -0.85 4.87 35.83
CA LEU B 205 -0.71 6.08 36.64
C LEU B 205 -0.92 7.28 35.72
N TYR B 206 -2.14 7.80 35.70
CA TYR B 206 -2.56 8.81 34.72
C TYR B 206 -2.32 10.22 35.25
N ARG B 207 -2.74 10.48 36.49
CA ARG B 207 -2.47 11.77 37.14
C ARG B 207 -0.98 11.96 37.38
N GLU B 208 -0.25 10.88 37.64
CA GLU B 208 1.19 10.96 37.84
C GLU B 208 1.91 11.37 36.57
N ALA B 209 1.53 10.77 35.43
CA ALA B 209 2.09 11.16 34.15
C ALA B 209 1.68 12.56 33.75
N LEU B 210 0.45 12.95 34.10
CA LEU B 210 -0.03 14.31 33.78
C LEU B 210 0.76 15.36 34.54
N GLU B 211 0.95 15.17 35.85
CA GLU B 211 1.73 16.13 36.62
C GLU B 211 3.21 16.07 36.24
N HIS B 212 3.70 14.92 35.79
CA HIS B 212 5.11 14.86 35.40
C HIS B 212 5.38 15.62 34.11
N LEU B 213 4.50 15.50 33.10
CA LEU B 213 4.79 16.28 31.90
C LEU B 213 4.43 17.75 32.09
N CYS B 214 3.49 18.05 33.01
CA CYS B 214 3.27 19.45 33.35
C CYS B 214 4.46 20.06 34.10
N THR B 215 5.22 19.26 34.84
CA THR B 215 6.42 19.79 35.49
C THR B 215 7.64 19.83 34.56
N TYR B 216 7.75 18.88 33.62
CA TYR B 216 8.94 18.82 32.77
C TYR B 216 8.61 19.04 31.30
N GLU B 217 7.59 19.87 31.01
CA GLU B 217 7.32 20.28 29.64
C GLU B 217 8.38 21.22 29.09
N LYS B 218 9.05 22.01 29.94
CA LYS B 218 9.98 23.02 29.47
C LYS B 218 11.40 22.50 29.29
N GLN B 219 11.66 21.22 29.54
CA GLN B 219 12.99 20.63 29.37
C GLN B 219 13.07 19.77 28.11
N ILE B 220 12.40 20.18 27.05
CA ILE B 220 12.27 19.36 25.85
C ILE B 220 12.90 20.08 24.66
N CYS B 221 12.87 19.41 23.52
CA CYS B 221 13.06 20.03 22.21
C CYS B 221 12.00 19.58 21.22
N ASP B 222 11.25 18.53 21.54
CA ASP B 222 10.18 18.04 20.68
C ASP B 222 8.83 18.35 21.32
N LYS B 223 8.11 19.31 20.73
CA LYS B 223 6.78 19.68 21.17
C LYS B 223 5.73 18.61 20.83
N LEU B 224 6.02 17.77 19.84
CA LEU B 224 5.02 16.92 19.20
C LEU B 224 4.51 15.83 20.13
N ALA B 225 5.41 14.97 20.62
CA ALA B 225 4.98 13.85 21.45
C ALA B 225 4.59 14.29 22.85
N VAL B 226 5.17 15.39 23.36
CA VAL B 226 4.67 16.02 24.58
C VAL B 226 3.22 16.43 24.40
N GLU B 227 2.90 17.00 23.23
CA GLU B 227 1.54 17.44 22.94
C GLU B 227 0.57 16.27 22.81
N GLU B 228 0.96 15.17 22.17
CA GLU B 228 0.05 14.02 22.11
C GLU B 228 -0.09 13.33 23.46
N THR B 229 0.96 13.39 24.29
CA THR B 229 0.86 12.87 25.65
C THR B 229 -0.16 13.66 26.46
N LYS B 230 -0.11 14.99 26.36
CA LYS B 230 -1.09 15.84 27.02
C LYS B 230 -2.50 15.61 26.47
N GLY B 231 -2.62 15.45 25.16
CA GLY B 231 -3.92 15.18 24.55
C GLY B 231 -4.54 13.86 24.98
N GLU B 232 -3.74 12.80 25.06
CA GLU B 232 -4.27 11.51 25.46
C GLU B 232 -4.58 11.47 26.96
N LEU B 233 -3.75 12.12 27.79
CA LEU B 233 -4.05 12.16 29.21
C LEU B 233 -5.24 13.08 29.53
N LEU B 234 -5.52 14.06 28.66
CA LEU B 234 -6.73 14.85 28.84
C LEU B 234 -7.96 14.18 28.24
N LEU B 235 -7.78 13.28 27.28
CA LEU B 235 -8.90 12.41 26.89
C LEU B 235 -9.22 11.41 28.00
N GLN B 236 -8.19 10.94 28.70
CA GLN B 236 -8.39 9.87 29.67
C GLN B 236 -9.02 10.35 30.97
N LEU B 237 -8.61 11.52 31.49
CA LEU B 237 -9.02 12.00 32.80
C LEU B 237 -10.25 12.90 32.75
N CYS B 238 -11.12 12.70 31.74
CA CYS B 238 -12.50 13.21 31.64
C CYS B 238 -12.58 14.72 31.45
N ARG B 239 -11.46 15.45 31.46
CA ARG B 239 -11.47 16.90 31.26
C ARG B 239 -11.73 17.20 29.80
N LEU B 240 -12.77 18.01 29.52
CA LEU B 240 -13.38 18.05 28.19
C LEU B 240 -12.93 19.25 27.36
N GLU B 241 -13.14 20.48 27.85
CA GLU B 241 -12.91 21.65 27.03
C GLU B 241 -11.42 21.98 26.86
N ASP B 242 -10.59 21.66 27.86
CA ASP B 242 -9.14 21.81 27.68
C ASP B 242 -8.61 20.83 26.63
N ALA B 243 -9.14 19.59 26.63
CA ALA B 243 -8.79 18.65 25.57
C ALA B 243 -9.33 19.09 24.21
N ALA B 244 -10.48 19.78 24.21
CA ALA B 244 -11.01 20.35 22.97
C ALA B 244 -10.09 21.43 22.41
N ASP B 245 -9.54 22.27 23.30
CA ASP B 245 -8.54 23.25 22.87
C ASP B 245 -7.25 22.58 22.39
N VAL B 246 -6.87 21.47 23.02
CA VAL B 246 -5.70 20.70 22.58
C VAL B 246 -5.90 20.17 21.17
N TYR B 247 -7.08 19.61 20.89
CA TYR B 247 -7.30 19.08 19.54
C TYR B 247 -7.61 20.16 18.52
N ARG B 248 -8.08 21.35 18.93
CA ARG B 248 -8.10 22.48 18.00
C ARG B 248 -6.68 22.94 17.66
N GLY B 249 -5.78 22.90 18.65
CA GLY B 249 -4.38 23.17 18.38
C GLY B 249 -3.74 22.13 17.48
N LEU B 250 -4.18 20.88 17.57
CA LEU B 250 -3.74 19.85 16.63
C LEU B 250 -4.31 20.06 15.24
N GLN B 251 -5.55 20.54 15.13
CA GLN B 251 -6.13 20.80 13.81
C GLN B 251 -5.43 21.98 13.14
N GLU B 252 -5.05 22.99 13.92
CA GLU B 252 -4.20 24.04 13.39
C GLU B 252 -2.77 23.56 13.15
N ARG B 253 -2.33 22.53 13.88
CA ARG B 253 -1.02 21.93 13.67
C ARG B 253 -0.98 21.09 12.40
N ASN B 254 -1.83 20.07 12.33
CA ASN B 254 -1.95 19.25 11.13
C ASN B 254 -3.41 19.22 10.71
N PRO B 255 -3.76 19.71 9.52
CA PRO B 255 -5.18 19.71 9.11
C PRO B 255 -5.66 18.39 8.54
N GLU B 256 -4.86 17.33 8.64
CA GLU B 256 -5.20 16.08 7.98
C GLU B 256 -4.84 14.86 8.83
N ASN B 257 -5.82 14.31 9.53
CA ASN B 257 -5.68 13.10 10.33
C ASN B 257 -7.06 12.54 10.66
N TRP B 258 -7.13 11.21 10.75
CA TRP B 258 -8.35 10.56 11.20
C TRP B 258 -8.45 10.58 12.73
N ALA B 259 -7.33 10.34 13.41
CA ALA B 259 -7.34 10.19 14.86
C ALA B 259 -7.62 11.51 15.57
N TYR B 260 -7.10 12.62 15.04
CA TYR B 260 -7.29 13.92 15.67
C TYR B 260 -8.75 14.38 15.56
N TYR B 261 -9.33 14.22 14.37
CA TYR B 261 -10.74 14.59 14.17
C TYR B 261 -11.67 13.66 14.94
N LYS B 262 -11.32 12.36 15.02
CA LYS B 262 -12.17 11.43 15.76
C LYS B 262 -12.08 11.68 17.27
N GLY B 263 -10.89 12.05 17.76
CA GLY B 263 -10.76 12.43 19.15
C GLY B 263 -11.49 13.71 19.49
N LEU B 264 -11.50 14.68 18.56
CA LEU B 264 -12.28 15.89 18.77
C LEU B 264 -13.78 15.61 18.74
N GLU B 265 -14.22 14.68 17.88
CA GLU B 265 -15.63 14.27 17.87
C GLU B 265 -16.04 13.62 19.17
N LYS B 266 -15.28 12.63 19.63
CA LYS B 266 -15.65 11.94 20.86
C LYS B 266 -15.29 12.74 22.11
N ALA B 267 -14.59 13.88 21.97
CA ALA B 267 -14.39 14.77 23.11
C ALA B 267 -15.52 15.78 23.23
N LEU B 268 -15.90 16.43 22.12
CA LEU B 268 -16.98 17.41 22.19
C LEU B 268 -18.36 16.78 22.38
N LYS B 269 -18.50 15.48 22.05
CA LYS B 269 -19.71 14.67 22.24
C LYS B 269 -20.94 15.30 21.61
N PRO B 270 -21.09 15.26 20.28
CA PRO B 270 -22.20 15.95 19.63
C PRO B 270 -23.54 15.28 19.92
N ALA B 271 -24.54 16.13 20.16
CA ALA B 271 -25.87 15.62 20.50
C ALA B 271 -26.56 15.05 19.27
N ASN B 272 -26.50 15.76 18.14
CA ASN B 272 -27.16 15.30 16.92
C ASN B 272 -26.18 15.41 15.77
N MET B 273 -26.59 14.98 14.57
CA MET B 273 -25.73 15.00 13.40
C MET B 273 -25.46 16.41 12.89
N LEU B 274 -26.37 17.35 13.15
CA LEU B 274 -26.22 18.72 12.64
C LEU B 274 -25.10 19.45 13.37
N GLU B 275 -25.05 19.35 14.69
CA GLU B 275 -23.95 19.94 15.45
C GLU B 275 -22.65 19.21 15.19
N ARG B 276 -22.71 17.93 14.80
CA ARG B 276 -21.51 17.20 14.39
C ARG B 276 -20.97 17.74 13.07
N LEU B 277 -21.85 18.00 12.11
CA LEU B 277 -21.40 18.54 10.83
C LEU B 277 -21.08 20.03 10.88
N LYS B 278 -21.50 20.74 11.94
CA LYS B 278 -21.06 22.12 12.13
C LYS B 278 -19.56 22.23 12.31
N ILE B 279 -18.94 21.22 12.93
CA ILE B 279 -17.49 21.17 13.10
C ILE B 279 -16.80 21.11 11.74
N TYR B 280 -17.31 20.27 10.85
CA TYR B 280 -16.69 20.18 9.54
C TYR B 280 -17.07 21.35 8.64
N GLU B 281 -18.20 22.02 8.88
CA GLU B 281 -18.49 23.23 8.12
C GLU B 281 -17.58 24.38 8.52
N GLU B 282 -17.30 24.55 9.82
CA GLU B 282 -16.34 25.59 10.19
C GLU B 282 -14.92 25.20 9.77
N ALA B 283 -14.62 23.89 9.74
CA ALA B 283 -13.35 23.43 9.18
C ALA B 283 -13.26 23.68 7.68
N TRP B 284 -14.39 23.66 6.97
CA TRP B 284 -14.43 24.10 5.58
C TRP B 284 -14.09 25.58 5.49
N THR B 285 -14.66 26.38 6.40
CA THR B 285 -14.48 27.83 6.31
C THR B 285 -13.05 28.28 6.59
N LYS B 286 -12.42 27.82 7.68
CA LYS B 286 -11.09 28.37 7.93
C LYS B 286 -10.00 27.60 7.19
N TYR B 287 -10.24 26.32 6.87
CA TYR B 287 -9.29 25.49 6.12
C TYR B 287 -9.94 24.95 4.86
N PRO B 288 -9.95 25.73 3.77
CA PRO B 288 -10.57 25.25 2.53
C PRO B 288 -9.69 24.33 1.70
N ARG B 289 -8.39 24.29 1.96
CA ARG B 289 -7.46 23.52 1.13
C ARG B 289 -7.39 22.06 1.52
N GLY B 290 -7.84 21.70 2.73
CA GLY B 290 -7.78 20.32 3.16
C GLY B 290 -8.75 19.42 2.40
N LEU B 291 -8.56 18.12 2.56
CA LEU B 291 -9.31 17.13 1.79
C LEU B 291 -10.32 16.36 2.63
N VAL B 292 -9.88 15.69 3.69
CA VAL B 292 -10.77 14.90 4.55
C VAL B 292 -11.83 15.72 5.32
N PRO B 293 -11.72 17.05 5.58
CA PRO B 293 -12.94 17.75 6.02
C PRO B 293 -14.01 17.85 4.95
N ARG B 294 -13.66 17.74 3.67
CA ARG B 294 -14.67 17.63 2.63
C ARG B 294 -15.15 16.20 2.43
N ARG B 295 -14.57 15.24 3.13
CA ARG B 295 -14.86 13.82 2.95
C ARG B 295 -15.60 13.18 4.11
N LEU B 296 -15.16 13.40 5.34
CA LEU B 296 -15.80 12.90 6.56
C LEU B 296 -17.29 13.19 6.76
N PRO B 297 -17.88 14.30 6.28
CA PRO B 297 -19.35 14.37 6.28
C PRO B 297 -20.03 13.38 5.36
N LEU B 298 -19.34 12.84 4.35
CA LEU B 298 -19.98 11.90 3.44
C LEU B 298 -20.03 10.48 3.99
N ASN B 299 -19.43 10.22 5.16
CA ASN B 299 -19.43 8.87 5.70
C ASN B 299 -20.74 8.52 6.39
N PHE B 300 -21.23 9.40 7.27
CA PHE B 300 -22.35 9.08 8.14
C PHE B 300 -23.66 9.77 7.76
N LEU B 301 -23.61 10.82 6.94
CA LEU B 301 -24.79 11.62 6.68
C LEU B 301 -25.66 10.93 5.63
N SER B 302 -26.97 11.13 5.72
CA SER B 302 -27.91 10.58 4.76
C SER B 302 -29.01 11.59 4.48
N GLY B 303 -29.51 11.55 3.25
CA GLY B 303 -30.65 12.38 2.88
C GLY B 303 -30.34 13.49 1.89
N GLU B 304 -31.19 14.52 1.89
CA GLU B 304 -31.04 15.61 0.94
C GLU B 304 -29.82 16.47 1.25
N LYS B 305 -29.45 16.58 2.53
CA LYS B 305 -28.24 17.29 2.89
C LYS B 305 -27.00 16.53 2.43
N PHE B 306 -27.06 15.19 2.48
CA PHE B 306 -25.99 14.36 1.94
C PHE B 306 -25.89 14.52 0.43
N LYS B 307 -27.04 14.58 -0.24
CA LYS B 307 -27.09 14.79 -1.69
C LYS B 307 -26.48 16.14 -2.07
N GLU B 308 -26.88 17.20 -1.37
CA GLU B 308 -26.36 18.54 -1.68
C GLU B 308 -24.93 18.75 -1.21
N CYS B 309 -24.43 17.91 -0.29
CA CYS B 309 -23.02 17.98 0.07
C CYS B 309 -22.16 17.30 -0.99
N LEU B 310 -22.56 16.09 -1.41
CA LEU B 310 -21.80 15.39 -2.45
C LEU B 310 -21.89 16.11 -3.79
N ASP B 311 -22.98 16.87 -4.01
CA ASP B 311 -23.15 17.67 -5.22
C ASP B 311 -22.03 18.69 -5.37
N LYS B 312 -21.84 19.55 -4.37
CA LYS B 312 -20.76 20.53 -4.44
C LYS B 312 -19.39 19.90 -4.29
N PHE B 313 -19.28 18.75 -3.61
CA PHE B 313 -18.00 18.06 -3.52
C PHE B 313 -17.52 17.58 -4.88
N LEU B 314 -18.36 16.82 -5.60
CA LEU B 314 -17.96 16.35 -6.91
C LEU B 314 -17.97 17.46 -7.94
N ARG B 315 -18.73 18.54 -7.73
CA ARG B 315 -18.66 19.69 -8.61
C ARG B 315 -17.28 20.37 -8.53
N MET B 316 -16.78 20.55 -7.31
CA MET B 316 -15.44 21.11 -7.14
C MET B 316 -14.36 20.16 -7.66
N ASN B 317 -14.47 18.87 -7.32
CA ASN B 317 -13.44 17.92 -7.74
C ASN B 317 -13.55 17.51 -9.21
N PHE B 318 -14.60 17.90 -9.92
CA PHE B 318 -14.65 17.75 -11.36
C PHE B 318 -14.31 19.05 -12.10
N SER B 319 -14.52 20.20 -11.47
CA SER B 319 -14.06 21.44 -12.06
C SER B 319 -12.55 21.55 -11.98
N LYS B 320 -11.95 21.10 -10.87
CA LYS B 320 -10.50 21.09 -10.76
C LYS B 320 -9.88 19.88 -11.41
N GLY B 321 -10.61 18.78 -11.53
CA GLY B 321 -10.11 17.59 -12.20
C GLY B 321 -9.26 16.66 -11.35
N CYS B 322 -9.86 16.11 -10.29
CA CYS B 322 -9.20 15.11 -9.45
C CYS B 322 -9.57 13.72 -9.92
N PRO B 323 -8.63 12.91 -10.35
CA PRO B 323 -8.94 11.53 -10.78
C PRO B 323 -9.49 10.63 -9.67
N PRO B 324 -8.80 10.43 -8.49
CA PRO B 324 -9.18 9.28 -7.65
C PRO B 324 -10.38 9.52 -6.73
N VAL B 325 -11.19 10.54 -7.04
CA VAL B 325 -12.35 10.88 -6.21
C VAL B 325 -13.34 9.71 -6.13
N PHE B 326 -13.49 8.97 -7.24
CA PHE B 326 -14.27 7.73 -7.27
C PHE B 326 -13.76 6.74 -6.24
N ASN B 327 -12.43 6.65 -6.10
CA ASN B 327 -11.83 5.79 -5.08
C ASN B 327 -12.27 6.18 -3.69
N THR B 328 -12.32 7.49 -3.40
CA THR B 328 -12.88 7.91 -2.11
C THR B 328 -14.33 7.54 -2.01
N LEU B 329 -15.08 7.70 -3.10
CA LEU B 329 -16.49 7.33 -3.06
C LEU B 329 -16.68 5.81 -3.13
N ARG B 330 -15.67 5.02 -3.49
CA ARG B 330 -15.91 3.59 -3.36
C ARG B 330 -15.63 3.10 -1.94
N SER B 331 -15.38 4.01 -1.01
CA SER B 331 -15.53 3.66 0.39
C SER B 331 -17.01 3.62 0.79
N LEU B 332 -17.89 4.29 0.05
CA LEU B 332 -19.28 4.44 0.49
C LEU B 332 -20.28 3.75 -0.44
N TYR B 333 -19.84 2.73 -1.19
CA TYR B 333 -20.74 2.02 -2.08
C TYR B 333 -21.34 0.77 -1.46
N LYS B 334 -21.32 0.63 -0.13
CA LYS B 334 -21.99 -0.48 0.52
C LYS B 334 -23.48 -0.22 0.72
N ASP B 335 -23.92 1.03 0.59
CA ASP B 335 -25.34 1.38 0.69
C ASP B 335 -25.96 1.29 -0.70
N LYS B 336 -27.27 1.11 -0.76
CA LYS B 336 -27.94 0.94 -2.05
C LYS B 336 -28.43 2.27 -2.61
N GLU B 337 -29.18 3.04 -1.82
CA GLU B 337 -29.84 4.24 -2.33
C GLU B 337 -28.87 5.38 -2.59
N LYS B 338 -27.74 5.42 -1.88
CA LYS B 338 -26.72 6.44 -2.15
C LYS B 338 -26.13 6.28 -3.55
N VAL B 339 -25.88 5.02 -3.95
CA VAL B 339 -25.39 4.73 -5.29
C VAL B 339 -26.41 5.15 -6.34
N ALA B 340 -27.69 4.91 -6.08
CA ALA B 340 -28.75 5.25 -7.02
C ALA B 340 -28.90 6.76 -7.17
N ILE B 341 -28.82 7.51 -6.07
CA ILE B 341 -28.99 8.95 -6.19
C ILE B 341 -27.74 9.60 -6.80
N ILE B 342 -26.54 9.06 -6.53
CA ILE B 342 -25.33 9.56 -7.19
C ILE B 342 -25.38 9.29 -8.68
N GLU B 343 -25.84 8.10 -9.09
CA GLU B 343 -25.90 7.76 -10.49
C GLU B 343 -26.95 8.58 -11.24
N GLU B 344 -28.11 8.81 -10.60
CA GLU B 344 -29.15 9.65 -11.20
C GLU B 344 -28.68 11.11 -11.30
N LEU B 345 -27.95 11.58 -10.28
CA LEU B 345 -27.39 12.92 -10.30
C LEU B 345 -26.37 13.10 -11.43
N VAL B 346 -25.50 12.11 -11.63
CA VAL B 346 -24.46 12.22 -12.65
C VAL B 346 -25.05 12.14 -14.06
N VAL B 347 -26.04 11.26 -14.26
CA VAL B 347 -26.65 11.18 -15.58
C VAL B 347 -27.53 12.41 -15.84
N GLY B 348 -28.05 13.04 -14.79
CA GLY B 348 -28.72 14.32 -14.97
C GLY B 348 -27.76 15.42 -15.36
N TYR B 349 -26.55 15.43 -14.75
CA TYR B 349 -25.49 16.35 -15.15
C TYR B 349 -25.16 16.22 -16.64
N GLU B 350 -25.01 14.99 -17.13
CA GLU B 350 -24.61 14.89 -18.54
C GLU B 350 -25.76 15.10 -19.51
N THR B 351 -26.99 14.70 -19.16
CA THR B 351 -28.12 15.00 -20.01
C THR B 351 -28.46 16.48 -20.03
N SER B 352 -28.03 17.24 -19.01
CA SER B 352 -28.11 18.69 -19.11
C SER B 352 -26.88 19.29 -19.78
N LEU B 353 -25.74 18.60 -19.76
CA LEU B 353 -24.50 19.19 -20.24
C LEU B 353 -24.33 19.04 -21.75
N LYS B 354 -24.86 17.96 -22.33
CA LYS B 354 -24.78 17.83 -23.78
C LYS B 354 -25.93 18.55 -24.50
N SER B 355 -26.68 19.39 -23.82
CA SER B 355 -27.75 20.16 -24.43
C SER B 355 -27.49 21.67 -24.38
N CYS B 356 -27.09 22.19 -23.21
CA CYS B 356 -26.88 23.62 -23.05
C CYS B 356 -25.53 23.96 -22.43
N ARG B 357 -24.61 22.98 -22.39
CA ARG B 357 -23.18 23.19 -22.13
C ARG B 357 -22.92 23.73 -20.71
N LEU B 358 -23.70 23.28 -19.74
CA LEU B 358 -23.51 23.64 -18.35
C LEU B 358 -24.09 22.50 -17.51
N PHE B 359 -23.76 22.51 -16.21
CA PHE B 359 -24.19 21.44 -15.30
C PHE B 359 -25.71 21.35 -15.21
N ASN B 360 -26.38 22.50 -15.09
CA ASN B 360 -27.84 22.59 -15.03
C ASN B 360 -28.27 24.00 -15.40
N PRO B 361 -29.37 24.16 -16.14
CA PRO B 361 -29.75 25.49 -16.62
C PRO B 361 -30.38 26.40 -15.59
N ASN B 362 -30.32 26.06 -14.30
CA ASN B 362 -30.86 26.94 -13.27
C ASN B 362 -29.91 28.09 -12.97
N ASP B 363 -28.70 27.78 -12.52
CA ASP B 363 -27.74 28.82 -12.23
C ASP B 363 -27.03 29.28 -13.50
N ASP B 364 -26.32 30.41 -13.39
CA ASP B 364 -25.54 30.98 -14.48
C ASP B 364 -24.16 31.32 -13.94
N GLY B 365 -23.16 30.54 -14.34
CA GLY B 365 -21.78 30.79 -13.97
C GLY B 365 -20.90 30.88 -15.21
N LYS B 366 -19.59 30.83 -14.97
CA LYS B 366 -18.66 30.76 -16.07
C LYS B 366 -18.76 29.42 -16.78
N GLU B 367 -18.58 29.44 -18.10
CA GLU B 367 -18.77 28.24 -18.89
C GLU B 367 -17.56 27.33 -18.74
N GLU B 368 -17.83 26.06 -18.47
CA GLU B 368 -16.80 25.10 -18.10
C GLU B 368 -15.93 24.74 -19.30
N PRO B 369 -14.70 24.25 -19.06
CA PRO B 369 -13.94 23.66 -20.15
C PRO B 369 -14.60 22.39 -20.64
N PRO B 370 -14.47 22.05 -21.92
CA PRO B 370 -15.12 20.85 -22.45
C PRO B 370 -14.46 19.54 -22.03
N THR B 371 -13.38 19.57 -21.25
CA THR B 371 -12.83 18.36 -20.65
C THR B 371 -13.74 17.80 -19.56
N THR B 372 -14.62 18.63 -19.01
CA THR B 372 -15.55 18.22 -17.95
C THR B 372 -16.51 17.15 -18.44
N LEU B 373 -16.92 17.20 -19.71
CA LEU B 373 -17.82 16.20 -20.29
C LEU B 373 -17.19 14.81 -20.27
N LEU B 374 -15.99 14.68 -20.84
CA LEU B 374 -15.30 13.40 -20.84
C LEU B 374 -14.84 12.99 -19.46
N TRP B 375 -14.61 13.95 -18.55
CA TRP B 375 -14.22 13.62 -17.20
C TRP B 375 -15.38 12.99 -16.42
N VAL B 376 -16.58 13.55 -16.58
CA VAL B 376 -17.76 12.95 -15.95
C VAL B 376 -18.12 11.64 -16.65
N GLN B 377 -17.84 11.51 -17.96
CA GLN B 377 -18.01 10.22 -18.64
C GLN B 377 -17.06 9.16 -18.07
N TYR B 378 -15.82 9.56 -17.77
CA TYR B 378 -14.86 8.68 -17.09
C TYR B 378 -15.37 8.23 -15.73
N TYR B 379 -15.91 9.18 -14.95
CA TYR B 379 -16.45 8.87 -13.63
C TYR B 379 -17.63 7.90 -13.71
N LEU B 380 -18.60 8.19 -14.58
CA LEU B 380 -19.75 7.29 -14.67
C LEU B 380 -19.41 5.96 -15.34
N ALA B 381 -18.40 5.91 -16.20
CA ALA B 381 -17.99 4.62 -16.76
C ALA B 381 -17.38 3.73 -15.69
N GLN B 382 -16.55 4.31 -14.81
CA GLN B 382 -16.07 3.50 -13.69
C GLN B 382 -17.19 3.20 -12.68
N HIS B 383 -18.21 4.05 -12.63
CA HIS B 383 -19.37 3.77 -11.77
C HIS B 383 -20.20 2.60 -12.30
N TYR B 384 -20.40 2.54 -13.62
CA TYR B 384 -21.04 1.38 -14.23
C TYR B 384 -20.17 0.13 -14.13
N ASP B 385 -18.85 0.31 -14.05
CA ASP B 385 -17.98 -0.82 -13.77
C ASP B 385 -18.24 -1.37 -12.37
N LYS B 386 -18.45 -0.48 -11.40
CA LYS B 386 -18.63 -0.96 -10.03
C LYS B 386 -19.99 -1.63 -9.81
N ILE B 387 -21.06 -1.14 -10.44
CA ILE B 387 -22.38 -1.67 -10.16
C ILE B 387 -22.66 -2.93 -10.96
N GLY B 388 -21.76 -3.25 -11.91
CA GLY B 388 -21.83 -4.54 -12.57
C GLY B 388 -22.71 -4.62 -13.81
N GLN B 389 -22.79 -3.55 -14.59
CA GLN B 389 -23.46 -3.55 -15.89
C GLN B 389 -22.49 -3.02 -16.93
N PRO B 390 -21.70 -3.90 -17.55
CA PRO B 390 -20.64 -3.42 -18.45
C PRO B 390 -21.13 -2.99 -19.82
N SER B 391 -22.37 -3.30 -20.20
CA SER B 391 -22.85 -2.94 -21.54
C SER B 391 -23.00 -1.42 -21.68
N ILE B 392 -23.61 -0.78 -20.68
CA ILE B 392 -23.75 0.67 -20.69
C ILE B 392 -22.39 1.33 -20.52
N ALA B 393 -21.48 0.66 -19.78
CA ALA B 393 -20.12 1.15 -19.63
C ALA B 393 -19.38 1.19 -20.96
N LEU B 394 -19.55 0.16 -21.79
CA LEU B 394 -18.97 0.20 -23.13
C LEU B 394 -19.66 1.23 -24.02
N GLU B 395 -20.99 1.33 -23.92
CA GLU B 395 -21.74 2.30 -24.71
C GLU B 395 -21.39 3.75 -24.42
N TYR B 396 -20.89 4.04 -23.21
CA TYR B 396 -20.45 5.38 -22.87
C TYR B 396 -18.94 5.57 -22.99
N ILE B 397 -18.15 4.53 -22.76
CA ILE B 397 -16.71 4.65 -22.94
C ILE B 397 -16.34 4.66 -24.42
N ASN B 398 -17.25 4.23 -25.32
CA ASN B 398 -16.99 4.39 -26.75
C ASN B 398 -17.04 5.85 -27.16
N THR B 399 -18.01 6.61 -26.63
CA THR B 399 -18.05 8.04 -26.85
C THR B 399 -16.88 8.73 -26.15
N ALA B 400 -16.47 8.19 -25.00
CA ALA B 400 -15.30 8.73 -24.31
C ALA B 400 -14.00 8.51 -25.10
N ILE B 401 -13.90 7.38 -25.82
CA ILE B 401 -12.74 7.15 -26.68
C ILE B 401 -12.80 8.06 -27.90
N GLU B 402 -13.99 8.17 -28.53
CA GLU B 402 -14.14 9.00 -29.72
C GLU B 402 -14.02 10.48 -29.44
N SER B 403 -14.13 10.89 -28.16
CA SER B 403 -13.85 12.28 -27.82
C SER B 403 -12.35 12.56 -27.84
N THR B 404 -11.56 11.79 -27.09
CA THR B 404 -10.11 11.97 -27.13
C THR B 404 -9.39 10.63 -26.95
N PRO B 405 -8.41 10.34 -27.80
CA PRO B 405 -7.75 9.03 -27.75
C PRO B 405 -6.43 9.01 -26.99
N THR B 406 -6.10 10.06 -26.24
CA THR B 406 -4.71 10.26 -25.86
C THR B 406 -4.42 10.24 -24.37
N LEU B 407 -5.43 10.27 -23.50
CA LEU B 407 -5.16 10.30 -22.07
C LEU B 407 -5.10 8.88 -21.50
N ILE B 408 -4.30 8.70 -20.46
CA ILE B 408 -3.89 7.36 -20.02
C ILE B 408 -4.97 6.70 -19.17
N GLU B 409 -5.60 7.48 -18.27
CA GLU B 409 -6.48 6.90 -17.26
C GLU B 409 -7.77 6.36 -17.86
N LEU B 410 -8.20 6.93 -18.99
CA LEU B 410 -9.37 6.41 -19.71
C LEU B 410 -9.12 5.01 -20.23
N PHE B 411 -7.94 4.78 -20.82
CA PHE B 411 -7.61 3.43 -21.26
C PHE B 411 -7.25 2.52 -20.09
N LEU B 412 -6.82 3.08 -18.95
CA LEU B 412 -6.60 2.27 -17.77
C LEU B 412 -7.91 1.72 -17.22
N VAL B 413 -8.96 2.55 -17.17
CA VAL B 413 -10.25 1.99 -16.76
C VAL B 413 -10.91 1.20 -17.88
N LYS B 414 -10.50 1.42 -19.14
CA LYS B 414 -10.89 0.51 -20.22
C LYS B 414 -10.29 -0.88 -20.00
N ALA B 415 -9.10 -0.95 -19.42
CA ALA B 415 -8.57 -2.24 -19.00
C ALA B 415 -9.31 -2.79 -17.77
N LYS B 416 -9.65 -1.90 -16.84
CA LYS B 416 -10.29 -2.34 -15.60
C LYS B 416 -11.73 -2.84 -15.81
N ILE B 417 -12.44 -2.33 -16.82
CA ILE B 417 -13.80 -2.81 -17.05
C ILE B 417 -13.79 -4.23 -17.62
N TYR B 418 -12.71 -4.62 -18.31
CA TYR B 418 -12.58 -6.01 -18.71
C TYR B 418 -11.99 -6.88 -17.60
N LYS B 419 -11.14 -6.29 -16.74
CA LYS B 419 -10.56 -7.08 -15.65
C LYS B 419 -11.63 -7.44 -14.62
N HIS B 420 -12.56 -6.53 -14.33
CA HIS B 420 -13.67 -6.87 -13.46
C HIS B 420 -14.68 -7.77 -14.13
N ALA B 421 -14.69 -7.82 -15.46
CA ALA B 421 -15.43 -8.84 -16.19
C ALA B 421 -14.54 -10.08 -16.31
N GLY B 422 -14.97 -11.05 -17.12
CA GLY B 422 -14.24 -12.30 -17.19
C GLY B 422 -13.00 -12.28 -18.05
N ASN B 423 -13.11 -11.72 -19.26
CA ASN B 423 -12.05 -11.79 -20.27
C ASN B 423 -10.88 -10.91 -19.84
N ILE B 424 -9.70 -11.52 -19.69
CA ILE B 424 -8.53 -10.85 -19.15
C ILE B 424 -7.57 -10.48 -20.28
N LYS B 425 -7.68 -11.16 -21.42
CA LYS B 425 -6.73 -10.94 -22.50
C LYS B 425 -7.01 -9.66 -23.29
N GLU B 426 -8.29 -9.30 -23.44
CA GLU B 426 -8.63 -8.02 -24.06
C GLU B 426 -8.16 -6.85 -23.21
N ALA B 427 -8.26 -6.98 -21.89
CA ALA B 427 -7.69 -5.98 -20.98
C ALA B 427 -6.18 -5.88 -21.16
N ALA B 428 -5.51 -7.01 -21.41
CA ALA B 428 -4.07 -7.00 -21.61
C ALA B 428 -3.69 -6.31 -22.92
N ARG B 429 -4.42 -6.59 -24.00
CA ARG B 429 -4.03 -5.98 -25.29
C ARG B 429 -4.40 -4.51 -25.36
N TRP B 430 -5.47 -4.07 -24.68
CA TRP B 430 -5.71 -2.63 -24.62
C TRP B 430 -4.74 -1.94 -23.68
N MET B 431 -4.40 -2.59 -22.56
CA MET B 431 -3.59 -1.96 -21.54
C MET B 431 -2.12 -1.90 -21.93
N ASP B 432 -1.67 -2.81 -22.81
CA ASP B 432 -0.31 -2.71 -23.31
C ASP B 432 -0.13 -1.47 -24.19
N GLU B 433 -1.14 -1.15 -25.00
CA GLU B 433 -1.10 0.11 -25.76
C GLU B 433 -1.23 1.32 -24.82
N ALA B 434 -2.08 1.18 -23.79
CA ALA B 434 -2.26 2.23 -22.80
C ALA B 434 -0.95 2.58 -22.09
N GLN B 435 -0.16 1.58 -21.72
CA GLN B 435 1.14 1.86 -21.15
C GLN B 435 2.18 2.15 -22.23
N ALA B 436 1.89 1.80 -23.49
CA ALA B 436 2.80 2.12 -24.56
C ALA B 436 2.67 3.56 -25.03
N LEU B 437 1.67 4.29 -24.52
CA LEU B 437 1.59 5.74 -24.77
C LEU B 437 2.84 6.46 -24.25
N ASP B 438 3.19 6.25 -22.98
CA ASP B 438 4.41 6.83 -22.44
C ASP B 438 5.14 5.81 -21.55
N THR B 439 6.47 5.90 -21.53
CA THR B 439 7.32 4.96 -20.80
C THR B 439 8.14 5.68 -19.73
N ALA B 440 7.48 6.52 -18.94
CA ALA B 440 8.17 7.36 -17.97
C ALA B 440 8.21 6.78 -16.55
N ASP B 441 7.10 6.25 -16.05
CA ASP B 441 6.99 5.87 -14.65
C ASP B 441 6.79 4.37 -14.48
N ARG B 442 7.21 3.87 -13.32
CA ARG B 442 7.23 2.44 -13.02
C ARG B 442 5.84 1.90 -12.65
N PHE B 443 4.90 2.80 -12.36
CA PHE B 443 3.55 2.39 -11.94
C PHE B 443 2.80 1.67 -13.06
N ILE B 444 2.80 2.27 -14.26
CA ILE B 444 1.92 1.78 -15.30
C ILE B 444 2.47 0.49 -15.92
N ASN B 445 3.79 0.34 -16.02
CA ASN B 445 4.30 -0.93 -16.51
C ASN B 445 4.39 -1.98 -15.41
N SER B 446 4.39 -1.58 -14.13
CA SER B 446 4.22 -2.56 -13.07
C SER B 446 2.82 -3.17 -13.12
N LYS B 447 1.79 -2.33 -13.28
CA LYS B 447 0.45 -2.88 -13.50
C LYS B 447 0.32 -3.61 -14.83
N CYS B 448 1.13 -3.25 -15.84
CA CYS B 448 1.14 -4.02 -17.08
C CYS B 448 1.72 -5.42 -16.85
N ALA B 449 2.77 -5.51 -16.03
CA ALA B 449 3.33 -6.81 -15.68
C ALA B 449 2.33 -7.64 -14.88
N LYS B 450 1.59 -7.01 -13.97
CA LYS B 450 0.58 -7.73 -13.20
C LYS B 450 -0.56 -8.23 -14.08
N TYR B 451 -1.04 -7.40 -15.01
CA TYR B 451 -2.10 -7.81 -15.91
C TYR B 451 -1.64 -8.84 -16.93
N MET B 452 -0.37 -8.82 -17.34
CA MET B 452 0.12 -9.87 -18.22
C MET B 452 0.33 -11.19 -17.48
N LEU B 453 0.70 -11.13 -16.20
CA LEU B 453 0.80 -12.37 -15.43
C LEU B 453 -0.58 -12.96 -15.13
N LYS B 454 -1.58 -12.12 -14.93
CA LYS B 454 -2.94 -12.64 -14.81
C LYS B 454 -3.60 -12.90 -16.15
N ALA B 455 -2.96 -12.53 -17.27
CA ALA B 455 -3.44 -12.86 -18.59
C ALA B 455 -2.82 -14.14 -19.14
N ASN B 456 -2.12 -14.90 -18.29
CA ASN B 456 -1.40 -16.14 -18.64
C ASN B 456 -0.35 -15.91 -19.73
N LEU B 457 0.47 -14.88 -19.52
CA LEU B 457 1.64 -14.59 -20.36
C LEU B 457 2.82 -14.34 -19.43
N ILE B 458 3.86 -15.17 -19.54
CA ILE B 458 5.02 -15.08 -18.66
C ILE B 458 6.20 -14.39 -19.33
N LYS B 459 6.47 -14.69 -20.60
CA LYS B 459 7.63 -14.12 -21.27
C LYS B 459 7.42 -12.65 -21.63
N GLU B 460 6.19 -12.27 -22.00
CA GLU B 460 5.90 -10.87 -22.27
C GLU B 460 5.94 -10.04 -21.01
N ALA B 461 5.46 -10.58 -19.89
CA ALA B 461 5.55 -9.88 -18.61
C ALA B 461 7.01 -9.77 -18.15
N GLU B 462 7.82 -10.79 -18.43
CA GLU B 462 9.24 -10.74 -18.08
C GLU B 462 9.97 -9.66 -18.87
N GLU B 463 9.77 -9.64 -20.20
CA GLU B 463 10.44 -8.62 -21.01
C GLU B 463 9.82 -7.24 -20.81
N MET B 464 8.61 -7.15 -20.27
CA MET B 464 8.04 -5.85 -19.96
C MET B 464 8.60 -5.31 -18.64
N CYS B 465 8.72 -6.15 -17.62
CA CYS B 465 9.30 -5.73 -16.37
C CYS B 465 10.81 -5.48 -16.48
N SER B 466 11.47 -6.11 -17.44
CA SER B 466 12.91 -5.90 -17.58
C SER B 466 13.30 -4.53 -18.20
N LYS B 467 12.42 -3.56 -18.44
CA LYS B 467 12.85 -2.31 -19.05
C LYS B 467 13.49 -1.36 -18.03
N PHE B 468 12.80 -1.08 -16.93
CA PHE B 468 13.28 -0.13 -15.94
C PHE B 468 14.30 -0.71 -14.97
N THR B 469 14.57 -2.01 -15.05
CA THR B 469 15.56 -2.60 -14.16
C THR B 469 16.98 -2.29 -14.67
N ARG B 470 17.96 -2.66 -13.85
CA ARG B 470 19.36 -2.52 -14.26
C ARG B 470 19.69 -3.53 -15.35
N GLU B 471 20.50 -3.10 -16.31
CA GLU B 471 20.81 -3.91 -17.48
C GLU B 471 22.10 -4.71 -17.34
N GLY B 472 22.44 -5.12 -16.11
CA GLY B 472 23.63 -5.91 -15.89
C GLY B 472 23.35 -7.36 -15.57
N THR B 473 22.08 -7.69 -15.36
CA THR B 473 21.67 -9.04 -15.02
C THR B 473 20.25 -9.26 -15.50
N SER B 474 19.71 -10.45 -15.20
CA SER B 474 18.33 -10.76 -15.55
C SER B 474 17.36 -10.00 -14.64
N ALA B 475 16.09 -10.02 -15.03
CA ALA B 475 15.08 -9.22 -14.33
C ALA B 475 14.72 -9.82 -12.98
N VAL B 476 14.47 -11.14 -12.94
CA VAL B 476 13.98 -11.78 -11.73
C VAL B 476 15.05 -11.82 -10.64
N GLU B 477 16.32 -12.00 -11.01
CA GLU B 477 17.39 -11.97 -10.02
C GLU B 477 17.63 -10.55 -9.51
N ASN B 478 17.43 -9.54 -10.37
CA ASN B 478 17.60 -8.16 -9.96
C ASN B 478 16.50 -7.75 -8.98
N LEU B 479 15.26 -8.15 -9.24
CA LEU B 479 14.22 -7.86 -8.25
C LEU B 479 14.29 -8.78 -7.03
N ASN B 480 15.01 -9.91 -7.12
CA ASN B 480 15.28 -10.69 -5.92
C ASN B 480 16.36 -10.04 -5.06
N GLU B 481 17.30 -9.34 -5.68
CA GLU B 481 18.32 -8.63 -4.92
C GLU B 481 17.73 -7.45 -4.14
N MET B 482 16.73 -6.78 -4.70
CA MET B 482 16.09 -5.66 -4.04
C MET B 482 14.80 -6.06 -3.33
N GLN B 483 14.56 -7.36 -3.15
CA GLN B 483 13.52 -7.93 -2.28
C GLN B 483 12.12 -7.54 -2.75
N CYS B 484 11.84 -7.72 -4.04
CA CYS B 484 10.52 -7.41 -4.59
C CYS B 484 9.60 -8.59 -4.30
N MET B 485 8.86 -8.48 -3.19
CA MET B 485 7.95 -9.53 -2.77
C MET B 485 6.73 -9.63 -3.68
N TRP B 486 6.28 -8.51 -4.22
CA TRP B 486 5.04 -8.43 -4.99
C TRP B 486 5.09 -9.27 -6.26
N PHE B 487 6.10 -9.02 -7.10
CA PHE B 487 6.24 -9.74 -8.38
C PHE B 487 6.43 -11.23 -8.16
N GLN B 488 7.22 -11.59 -7.15
CA GLN B 488 7.54 -13.00 -6.91
C GLN B 488 6.31 -13.77 -6.43
N THR B 489 5.57 -13.22 -5.46
CA THR B 489 4.37 -13.90 -4.99
C THR B 489 3.27 -13.94 -6.06
N GLU B 490 3.15 -12.88 -6.85
CA GLU B 490 2.08 -12.85 -7.83
C GLU B 490 2.39 -13.77 -9.02
N CYS B 491 3.64 -13.84 -9.45
CA CYS B 491 3.98 -14.78 -10.51
C CYS B 491 4.05 -16.21 -9.99
N ALA B 492 4.23 -16.40 -8.68
CA ALA B 492 4.07 -17.73 -8.11
C ALA B 492 2.63 -18.20 -8.18
N GLN B 493 1.68 -17.29 -7.92
CA GLN B 493 0.28 -17.64 -8.07
C GLN B 493 -0.08 -17.86 -9.55
N ALA B 494 0.52 -17.07 -10.45
CA ALA B 494 0.31 -17.29 -11.88
C ALA B 494 0.91 -18.60 -12.35
N TYR B 495 2.05 -19.00 -11.79
CA TYR B 495 2.69 -20.25 -12.18
C TYR B 495 1.94 -21.45 -11.60
N LYS B 496 1.27 -21.26 -10.45
CA LYS B 496 0.28 -22.24 -10.01
C LYS B 496 -0.87 -22.32 -11.01
N ALA B 497 -1.29 -21.17 -11.55
CA ALA B 497 -2.36 -21.17 -12.53
C ALA B 497 -1.95 -21.81 -13.87
N MET B 498 -0.65 -21.92 -14.14
CA MET B 498 -0.16 -22.73 -15.26
C MET B 498 -0.08 -24.23 -14.94
N ASN B 499 -0.62 -24.69 -13.81
CA ASN B 499 -0.83 -26.10 -13.46
C ASN B 499 0.47 -26.89 -13.28
N LYS B 500 1.54 -26.25 -12.81
CA LYS B 500 2.75 -26.95 -12.38
C LYS B 500 3.45 -26.12 -11.31
N PHE B 501 4.27 -26.79 -10.48
CA PHE B 501 4.48 -26.36 -9.10
C PHE B 501 5.90 -25.94 -8.75
N GLY B 502 6.89 -26.21 -9.60
CA GLY B 502 8.27 -26.26 -9.15
C GLY B 502 8.86 -24.91 -8.76
N GLU B 503 8.91 -23.97 -9.71
CA GLU B 503 9.54 -22.70 -9.38
C GLU B 503 8.64 -21.81 -8.54
N ALA B 504 7.33 -22.08 -8.48
CA ALA B 504 6.49 -21.40 -7.50
C ALA B 504 6.82 -21.83 -6.08
N LEU B 505 7.04 -23.14 -5.88
CA LEU B 505 7.50 -23.63 -4.58
C LEU B 505 8.89 -23.07 -4.25
N LYS B 506 9.74 -22.94 -5.27
CA LYS B 506 11.04 -22.30 -5.12
C LYS B 506 10.93 -20.85 -4.65
N LYS B 507 10.02 -20.08 -5.26
CA LYS B 507 9.88 -18.67 -4.91
C LYS B 507 9.27 -18.50 -3.53
N CYS B 508 8.35 -19.40 -3.14
CA CYS B 508 7.87 -19.40 -1.76
C CYS B 508 9.01 -19.66 -0.77
N HIS B 509 9.92 -20.57 -1.12
CA HIS B 509 11.04 -20.86 -0.22
C HIS B 509 12.01 -19.69 -0.14
N GLU B 510 12.28 -18.98 -1.25
CA GLU B 510 13.21 -17.87 -1.10
C GLU B 510 12.55 -16.62 -0.52
N ILE B 511 11.22 -16.46 -0.62
CA ILE B 511 10.65 -15.32 0.08
C ILE B 511 10.64 -15.58 1.58
N GLU B 512 10.45 -16.84 2.00
CA GLU B 512 10.64 -17.14 3.41
C GLU B 512 12.10 -17.04 3.82
N ARG B 513 13.04 -17.28 2.89
CA ARG B 513 14.46 -17.09 3.17
C ARG B 513 14.81 -15.63 3.43
N HIS B 514 14.29 -14.69 2.63
CA HIS B 514 14.65 -13.30 2.94
C HIS B 514 13.79 -12.76 4.07
N PHE B 515 12.69 -13.45 4.41
CA PHE B 515 12.10 -13.24 5.73
C PHE B 515 13.04 -13.66 6.86
N ILE B 516 13.75 -14.78 6.71
CA ILE B 516 14.75 -15.18 7.72
C ILE B 516 15.86 -14.13 7.81
N GLU B 517 16.25 -13.57 6.67
CA GLU B 517 17.29 -12.54 6.68
C GLU B 517 16.79 -11.25 7.34
N ILE B 518 15.55 -10.84 7.06
CA ILE B 518 15.02 -9.61 7.66
C ILE B 518 14.66 -9.81 9.12
N THR B 519 14.51 -11.05 9.59
CA THR B 519 14.39 -11.30 11.02
C THR B 519 15.73 -11.50 11.71
N ASP B 520 16.80 -11.75 10.96
CA ASP B 520 18.14 -11.85 11.54
C ASP B 520 18.94 -10.56 11.47
N ASP B 521 18.44 -9.53 10.76
CA ASP B 521 19.28 -8.37 10.41
C ASP B 521 19.67 -7.50 11.60
N GLN B 522 18.93 -7.59 12.71
CA GLN B 522 18.98 -6.56 13.74
C GLN B 522 20.23 -6.57 14.62
N PHE B 523 21.15 -7.50 14.40
CA PHE B 523 22.30 -7.65 15.28
C PHE B 523 23.29 -6.49 15.16
N ASP B 524 23.24 -5.73 14.07
CA ASP B 524 24.31 -4.79 13.76
C ASP B 524 24.21 -3.45 14.49
N PHE B 525 23.00 -2.98 14.80
CA PHE B 525 22.83 -1.59 15.23
C PHE B 525 22.71 -1.39 16.72
N HIS B 526 22.71 -2.47 17.53
CA HIS B 526 22.49 -2.30 18.96
C HIS B 526 23.64 -1.60 19.68
N THR B 527 24.86 -1.65 19.13
CA THR B 527 25.95 -0.85 19.68
C THR B 527 25.72 0.63 19.45
N TYR B 528 25.26 1.01 18.26
CA TYR B 528 24.91 2.40 18.01
C TYR B 528 23.66 2.83 18.78
N CYS B 529 22.73 1.91 19.05
CA CYS B 529 21.54 2.25 19.80
C CYS B 529 21.74 2.18 21.31
N MET B 530 22.88 1.68 21.77
CA MET B 530 23.29 1.93 23.15
C MET B 530 24.28 3.08 23.26
N ARG B 531 24.78 3.54 22.10
CA ARG B 531 25.68 4.71 22.01
C ARG B 531 24.79 5.95 21.82
N LYS B 532 23.67 5.78 21.11
CA LYS B 532 22.69 6.85 20.89
C LYS B 532 21.67 6.83 22.04
N ILE B 533 20.71 7.77 22.06
CA ILE B 533 19.74 7.79 23.18
C ILE B 533 18.43 7.91 22.39
N THR B 534 17.90 6.81 21.87
CA THR B 534 16.49 6.76 21.46
C THR B 534 15.88 5.41 21.80
N LEU B 535 14.75 5.44 22.53
CA LEU B 535 14.24 4.23 23.18
C LEU B 535 12.86 3.78 22.74
N ARG B 536 11.93 4.68 22.39
CA ARG B 536 10.57 4.22 22.16
C ARG B 536 10.42 3.59 20.77
N SER B 537 11.15 4.11 19.78
CA SER B 537 11.23 3.41 18.52
C SER B 537 12.05 2.12 18.64
N TYR B 538 12.97 2.08 19.60
CA TYR B 538 13.76 0.86 19.81
C TYR B 538 12.90 -0.24 20.43
N VAL B 539 12.09 0.09 21.43
CA VAL B 539 11.20 -0.91 21.98
C VAL B 539 10.10 -1.27 20.98
N ASP B 540 9.72 -0.33 20.10
CA ASP B 540 8.74 -0.67 19.08
C ASP B 540 9.32 -1.58 18.01
N LEU B 541 10.62 -1.45 17.68
CA LEU B 541 11.08 -2.36 16.64
C LEU B 541 11.48 -3.71 17.22
N LEU B 542 11.87 -3.77 18.49
CA LEU B 542 11.98 -5.07 19.15
C LEU B 542 10.62 -5.74 19.23
N LYS B 543 9.57 -4.95 19.49
CA LYS B 543 8.21 -5.48 19.52
C LYS B 543 7.76 -5.93 18.13
N LEU B 544 8.19 -5.25 17.06
CA LEU B 544 7.80 -5.72 15.74
C LEU B 544 8.55 -6.98 15.37
N GLU B 545 9.84 -7.05 15.68
CA GLU B 545 10.62 -8.25 15.38
C GLU B 545 10.22 -9.44 16.24
N ASP B 546 9.48 -9.22 17.33
CA ASP B 546 8.78 -10.33 17.96
C ASP B 546 7.67 -10.87 17.06
N VAL B 547 7.02 -10.02 16.28
CA VAL B 547 5.75 -10.37 15.63
C VAL B 547 5.83 -10.07 14.12
N LEU B 548 7.03 -10.19 13.54
CA LEU B 548 7.31 -9.66 12.20
C LEU B 548 6.59 -10.42 11.09
N ARG B 549 6.21 -11.67 11.33
CA ARG B 549 5.71 -12.53 10.27
C ARG B 549 4.20 -12.46 10.09
N GLN B 550 3.58 -11.33 10.46
CA GLN B 550 2.13 -11.16 10.34
C GLN B 550 1.74 -10.33 9.13
N HIS B 551 2.67 -10.07 8.21
CA HIS B 551 2.39 -9.23 7.06
C HIS B 551 1.56 -10.01 6.04
N PRO B 552 0.59 -9.35 5.37
CA PRO B 552 -0.34 -10.10 4.50
C PRO B 552 0.29 -10.68 3.24
N PHE B 553 1.46 -10.20 2.80
CA PHE B 553 2.12 -10.82 1.66
C PHE B 553 2.64 -12.22 2.01
N TYR B 554 3.08 -12.40 3.26
CA TYR B 554 3.52 -13.72 3.71
C TYR B 554 2.37 -14.71 3.74
N PHE B 555 1.19 -14.27 4.20
CA PHE B 555 0.02 -15.15 4.18
C PHE B 555 -0.46 -15.40 2.75
N LYS B 556 -0.36 -14.39 1.88
CA LYS B 556 -0.75 -14.53 0.49
C LYS B 556 0.14 -15.52 -0.25
N ALA B 557 1.42 -15.60 0.12
CA ALA B 557 2.28 -16.63 -0.44
C ALA B 557 2.06 -17.98 0.21
N ALA B 558 1.84 -17.98 1.54
CA ALA B 558 1.76 -19.23 2.28
C ALA B 558 0.48 -20.00 1.99
N ARG B 559 -0.60 -19.31 1.61
CA ARG B 559 -1.84 -20.04 1.32
C ARG B 559 -1.71 -20.86 0.04
N ILE B 560 -1.13 -20.29 -1.02
CA ILE B 560 -0.91 -21.08 -2.23
C ILE B 560 0.21 -22.06 -2.03
N ALA B 561 1.16 -21.78 -1.13
CA ALA B 561 2.23 -22.73 -0.82
C ALA B 561 1.68 -23.99 -0.17
N ILE B 562 0.91 -23.82 0.91
CA ILE B 562 0.29 -24.96 1.60
C ILE B 562 -0.71 -25.66 0.70
N GLU B 563 -1.39 -24.91 -0.18
CA GLU B 563 -2.31 -25.51 -1.13
C GLU B 563 -1.58 -26.41 -2.13
N ILE B 564 -0.43 -25.98 -2.65
CA ILE B 564 0.27 -26.84 -3.60
C ILE B 564 1.00 -27.98 -2.90
N TYR B 565 1.39 -27.83 -1.62
CA TYR B 565 1.94 -28.96 -0.90
C TYR B 565 0.88 -30.04 -0.68
N LEU B 566 -0.33 -29.65 -0.29
CA LEU B 566 -1.38 -30.65 -0.08
C LEU B 566 -1.86 -31.23 -1.42
N LYS B 567 -1.81 -30.44 -2.50
CA LYS B 567 -2.19 -30.96 -3.80
C LYS B 567 -1.15 -31.94 -4.33
N LEU B 568 0.14 -31.69 -4.05
CA LEU B 568 1.19 -32.62 -4.43
C LEU B 568 1.19 -33.87 -3.57
N HIS B 569 0.83 -33.75 -2.29
CA HIS B 569 0.80 -34.94 -1.43
C HIS B 569 -0.44 -35.79 -1.67
N ASP B 570 -1.57 -35.18 -2.04
CA ASP B 570 -2.78 -35.97 -2.27
C ASP B 570 -2.71 -36.73 -3.58
N ASN B 571 -2.07 -36.17 -4.59
CA ASN B 571 -1.93 -36.80 -5.90
C ASN B 571 -0.46 -36.71 -6.31
N PRO B 572 0.34 -37.71 -5.97
CA PRO B 572 1.76 -37.67 -6.34
C PRO B 572 1.97 -37.96 -7.81
N LEU B 573 3.19 -37.69 -8.28
CA LEU B 573 3.54 -37.91 -9.68
C LEU B 573 3.72 -39.40 -9.96
N PRO B 638 27.71 -19.21 1.77
CA PRO B 638 27.26 -20.19 0.77
C PRO B 638 26.18 -21.13 1.32
N LYS B 639 24.98 -20.59 1.54
CA LYS B 639 23.87 -21.36 2.06
C LYS B 639 23.19 -22.18 0.97
N GLU B 640 22.03 -22.73 1.28
CA GLU B 640 21.30 -23.54 0.31
C GLU B 640 20.73 -22.67 -0.81
N GLU B 641 20.90 -23.14 -2.04
CA GLU B 641 20.33 -22.51 -3.23
C GLU B 641 19.42 -23.51 -3.92
N LEU B 642 18.52 -22.99 -4.75
CA LEU B 642 17.32 -23.71 -5.14
C LEU B 642 17.26 -23.91 -6.64
N ILE B 643 17.01 -25.16 -7.05
CA ILE B 643 16.60 -25.49 -8.40
C ILE B 643 15.27 -26.24 -8.29
N PRO B 644 14.32 -26.04 -9.21
CA PRO B 644 12.93 -26.44 -8.91
C PRO B 644 12.68 -27.94 -8.93
N GLU B 645 13.33 -28.70 -9.80
CA GLU B 645 12.93 -30.08 -10.03
C GLU B 645 13.36 -31.05 -8.93
N LYS B 646 14.40 -30.71 -8.17
CA LYS B 646 14.74 -31.52 -7.00
C LYS B 646 13.99 -31.04 -5.77
N LEU B 647 13.88 -29.72 -5.61
CA LEU B 647 13.29 -29.14 -4.42
C LEU B 647 11.77 -29.23 -4.39
N ALA B 648 11.15 -29.51 -5.54
CA ALA B 648 9.69 -29.69 -5.57
C ALA B 648 9.30 -31.15 -5.37
N LYS B 649 10.27 -32.06 -5.39
CA LYS B 649 10.02 -33.50 -5.33
C LYS B 649 10.56 -34.13 -4.04
N VAL B 650 10.33 -33.46 -2.91
CA VAL B 650 10.68 -34.02 -1.61
C VAL B 650 9.76 -35.19 -1.32
N GLU B 651 10.31 -36.25 -0.70
CA GLU B 651 9.58 -37.52 -0.55
C GLU B 651 8.38 -37.40 0.39
N THR B 652 8.38 -36.42 1.29
CA THR B 652 7.23 -36.14 2.14
C THR B 652 7.17 -34.63 2.41
N PRO B 653 6.17 -33.93 1.87
CA PRO B 653 6.14 -32.47 2.00
C PRO B 653 5.57 -31.97 3.31
N LEU B 654 4.96 -32.86 4.08
CA LEU B 654 4.09 -32.43 5.18
C LEU B 654 4.87 -31.89 6.37
N GLU B 655 6.04 -32.46 6.69
CA GLU B 655 6.77 -31.99 7.87
C GLU B 655 7.43 -30.62 7.63
N GLU B 656 8.00 -30.38 6.46
CA GLU B 656 8.49 -29.04 6.17
C GLU B 656 7.36 -28.06 5.91
N ALA B 657 6.21 -28.54 5.44
CA ALA B 657 5.04 -27.67 5.29
C ALA B 657 4.50 -27.22 6.63
N ILE B 658 4.48 -28.10 7.64
CA ILE B 658 4.02 -27.64 8.96
C ILE B 658 5.11 -26.81 9.63
N LYS B 659 6.39 -27.02 9.27
CA LYS B 659 7.43 -26.11 9.73
C LYS B 659 7.25 -24.70 9.17
N PHE B 660 6.84 -24.58 7.90
CA PHE B 660 6.54 -23.25 7.36
C PHE B 660 5.19 -22.72 7.86
N LEU B 661 4.30 -23.59 8.33
CA LEU B 661 2.99 -23.12 8.74
C LEU B 661 2.96 -22.69 10.20
N THR B 662 3.83 -23.27 11.06
CA THR B 662 3.74 -22.97 12.49
C THR B 662 4.06 -21.53 12.96
N PRO B 663 4.86 -20.68 12.28
CA PRO B 663 4.85 -19.27 12.70
C PRO B 663 3.58 -18.56 12.32
N LEU B 664 2.96 -18.95 11.20
CA LEU B 664 1.66 -18.39 10.80
C LEU B 664 0.58 -18.79 11.81
N LYS B 665 0.69 -19.98 12.38
CA LYS B 665 -0.26 -20.40 13.40
C LYS B 665 0.02 -19.74 14.75
N ASN B 666 1.29 -19.61 15.13
CA ASN B 666 1.61 -19.09 16.45
C ASN B 666 1.48 -17.57 16.54
N LEU B 667 1.69 -16.85 15.44
CA LEU B 667 1.78 -15.39 15.51
C LEU B 667 0.50 -14.66 15.17
N VAL B 668 -0.33 -15.18 14.27
CA VAL B 668 -1.59 -14.53 13.89
C VAL B 668 -2.69 -15.58 13.97
N LYS B 669 -3.79 -15.24 14.65
CA LYS B 669 -4.89 -16.17 14.87
C LYS B 669 -6.26 -15.54 14.69
N ASN B 670 -6.33 -14.24 14.39
CA ASN B 670 -7.62 -13.58 14.24
C ASN B 670 -8.27 -13.82 12.88
N LYS B 671 -7.58 -14.52 11.97
CA LYS B 671 -8.11 -14.84 10.66
C LYS B 671 -8.29 -16.35 10.54
N ILE B 672 -9.48 -16.76 10.10
CA ILE B 672 -9.87 -18.17 10.19
C ILE B 672 -9.17 -19.06 9.17
N GLU B 673 -8.61 -18.49 8.10
CA GLU B 673 -7.99 -19.31 7.06
C GLU B 673 -6.66 -19.90 7.52
N THR B 674 -6.01 -19.28 8.51
CA THR B 674 -4.81 -19.86 9.10
C THR B 674 -5.11 -21.20 9.78
N HIS B 675 -6.11 -21.21 10.67
CA HIS B 675 -6.52 -22.44 11.30
C HIS B 675 -7.21 -23.39 10.33
N LEU B 676 -7.78 -22.89 9.24
CA LEU B 676 -8.38 -23.79 8.27
C LEU B 676 -7.33 -24.50 7.42
N PHE B 677 -6.26 -23.82 7.02
CA PHE B 677 -5.15 -24.54 6.40
C PHE B 677 -4.41 -25.42 7.39
N ALA B 678 -4.46 -25.07 8.69
CA ALA B 678 -3.96 -25.99 9.72
C ALA B 678 -4.80 -27.27 9.77
N PHE B 679 -6.11 -27.13 9.61
CA PHE B 679 -7.00 -28.29 9.48
C PHE B 679 -6.64 -29.11 8.24
N GLU B 680 -6.45 -28.43 7.10
CA GLU B 680 -6.17 -29.13 5.85
C GLU B 680 -4.80 -29.79 5.85
N ILE B 681 -3.87 -29.30 6.66
CA ILE B 681 -2.53 -29.86 6.74
C ILE B 681 -2.42 -30.89 7.86
N TYR B 682 -3.39 -30.91 8.79
CA TYR B 682 -3.46 -31.97 9.78
C TYR B 682 -4.38 -33.11 9.38
N PHE B 683 -5.16 -32.92 8.31
CA PHE B 683 -6.07 -33.97 7.85
C PHE B 683 -5.33 -35.19 7.31
N ARG B 684 -4.14 -34.99 6.74
CA ARG B 684 -3.37 -36.09 6.19
C ARG B 684 -2.25 -36.55 7.12
N LYS B 685 -2.17 -36.00 8.32
CA LYS B 685 -1.25 -36.47 9.34
C LYS B 685 -1.95 -37.24 10.45
N GLU B 686 -3.26 -37.00 10.63
CA GLU B 686 -4.12 -37.66 11.62
C GLU B 686 -3.60 -37.49 13.06
N LYS B 687 -3.42 -36.24 13.48
CA LYS B 687 -3.17 -35.91 14.87
C LYS B 687 -4.42 -35.22 15.40
N PHE B 688 -5.25 -35.97 16.12
CA PHE B 688 -6.65 -35.62 16.29
C PHE B 688 -6.90 -34.51 17.32
N LEU B 689 -6.04 -34.36 18.33
CA LEU B 689 -6.24 -33.24 19.23
C LEU B 689 -5.73 -31.93 18.65
N LEU B 690 -4.66 -31.97 17.85
CA LEU B 690 -4.25 -30.78 17.11
C LEU B 690 -5.29 -30.38 16.09
N MET B 691 -5.85 -31.38 15.40
CA MET B 691 -7.02 -31.28 14.54
C MET B 691 -8.17 -30.54 15.23
N LEU B 692 -8.54 -31.04 16.41
CA LEU B 692 -9.70 -30.51 17.12
C LEU B 692 -9.42 -29.15 17.75
N GLN B 693 -8.17 -28.85 18.12
CA GLN B 693 -7.91 -27.51 18.65
C GLN B 693 -7.82 -26.47 17.55
N SER B 694 -7.38 -26.86 16.35
CA SER B 694 -7.49 -25.96 15.20
C SER B 694 -8.95 -25.74 14.84
N VAL B 695 -9.78 -26.79 14.97
CA VAL B 695 -11.23 -26.67 14.83
C VAL B 695 -11.80 -25.68 15.83
N LYS B 696 -11.39 -25.77 17.10
CA LYS B 696 -11.89 -24.86 18.14
C LYS B 696 -11.46 -23.43 17.90
N ARG B 697 -10.18 -23.21 17.56
CA ARG B 697 -9.70 -21.85 17.37
C ARG B 697 -10.24 -21.24 16.08
N ALA B 698 -10.66 -22.06 15.12
CA ALA B 698 -11.35 -21.53 13.95
C ALA B 698 -12.84 -21.30 14.21
N PHE B 699 -13.45 -22.12 15.06
CA PHE B 699 -14.87 -22.03 15.35
C PHE B 699 -15.19 -20.90 16.32
N ALA B 700 -14.23 -20.49 17.13
CA ALA B 700 -14.45 -19.41 18.09
C ALA B 700 -14.58 -18.05 17.43
N ILE B 701 -14.21 -17.91 16.17
CA ILE B 701 -14.30 -16.64 15.46
C ILE B 701 -15.57 -16.61 14.61
N ASP B 702 -15.68 -17.56 13.67
CA ASP B 702 -16.82 -17.62 12.77
C ASP B 702 -17.39 -19.04 12.80
N SER B 703 -18.72 -19.14 12.84
CA SER B 703 -19.40 -20.42 12.85
C SER B 703 -20.19 -20.71 11.59
N SER B 704 -20.51 -19.68 10.79
CA SER B 704 -21.31 -19.86 9.59
C SER B 704 -20.50 -19.77 8.31
N HIS B 705 -19.18 -19.90 8.41
CA HIS B 705 -18.35 -19.93 7.21
C HIS B 705 -18.50 -21.28 6.52
N PRO B 706 -18.71 -21.31 5.19
CA PRO B 706 -19.07 -22.58 4.53
C PRO B 706 -17.93 -23.58 4.43
N TRP B 707 -16.73 -23.12 4.05
CA TRP B 707 -15.61 -24.05 3.87
C TRP B 707 -15.15 -24.60 5.22
N LEU B 708 -15.25 -23.79 6.27
CA LEU B 708 -15.08 -24.29 7.63
C LEU B 708 -16.20 -25.26 8.00
N HIS B 709 -17.41 -25.06 7.48
CA HIS B 709 -18.52 -25.97 7.80
C HIS B 709 -18.30 -27.35 7.19
N GLU B 710 -17.76 -27.42 5.97
CA GLU B 710 -17.48 -28.75 5.44
C GLU B 710 -16.20 -29.34 6.01
N CYS B 711 -15.30 -28.50 6.54
CA CYS B 711 -14.27 -29.02 7.43
C CYS B 711 -14.88 -29.72 8.64
N MET B 712 -15.93 -29.11 9.23
CA MET B 712 -16.64 -29.75 10.34
C MET B 712 -17.31 -31.05 9.89
N ILE B 713 -17.87 -31.05 8.67
CA ILE B 713 -18.53 -32.24 8.13
C ILE B 713 -17.56 -33.40 7.99
N ARG B 714 -16.39 -33.15 7.38
CA ARG B 714 -15.37 -34.20 7.30
C ARG B 714 -14.85 -34.59 8.69
N LEU B 715 -14.83 -33.65 9.64
CA LEU B 715 -14.35 -33.95 10.98
C LEU B 715 -15.24 -34.97 11.68
N PHE B 716 -16.55 -34.69 11.78
CA PHE B 716 -17.33 -35.72 12.46
C PHE B 716 -17.71 -36.88 11.55
N ASN B 717 -17.48 -36.77 10.23
CA ASN B 717 -17.59 -37.95 9.37
C ASN B 717 -16.48 -38.96 9.68
N THR B 718 -15.23 -38.50 9.74
CA THR B 718 -14.16 -39.42 10.12
C THR B 718 -14.22 -39.77 11.60
N ALA B 719 -14.91 -38.98 12.43
CA ALA B 719 -15.10 -39.36 13.82
C ALA B 719 -16.09 -40.52 13.94
N VAL B 720 -17.22 -40.46 13.23
CA VAL B 720 -18.19 -41.54 13.32
C VAL B 720 -17.79 -42.76 12.49
N CYS B 721 -16.87 -42.60 11.53
CA CYS B 721 -16.42 -43.76 10.76
C CYS B 721 -15.09 -44.33 11.26
N GLU B 722 -14.38 -43.62 12.14
CA GLU B 722 -13.08 -44.05 12.62
C GLU B 722 -13.02 -43.87 14.13
N SER B 723 -14.05 -44.37 14.82
CA SER B 723 -14.13 -44.28 16.28
C SER B 723 -13.52 -45.49 16.97
N LYS B 724 -12.77 -46.33 16.26
CA LYS B 724 -12.23 -47.55 16.84
C LYS B 724 -10.71 -47.67 16.73
N ASP B 725 -10.09 -46.95 15.79
CA ASP B 725 -8.65 -47.07 15.58
C ASP B 725 -7.88 -45.96 16.29
N LEU B 726 -8.07 -45.85 17.60
CA LEU B 726 -7.42 -44.83 18.41
C LEU B 726 -7.43 -45.28 19.87
N SER B 727 -6.45 -44.77 20.63
CA SER B 727 -6.22 -45.20 22.00
C SER B 727 -7.31 -44.69 22.93
N ASP B 728 -7.39 -45.32 24.12
CA ASP B 728 -8.51 -45.09 25.04
C ASP B 728 -8.44 -43.72 25.69
N THR B 729 -7.24 -43.13 25.77
CA THR B 729 -7.11 -41.79 26.33
C THR B 729 -7.74 -40.74 25.43
N VAL B 730 -7.61 -40.91 24.12
CA VAL B 730 -8.16 -39.94 23.18
C VAL B 730 -9.68 -40.08 23.06
N ARG B 731 -10.20 -41.29 23.37
CA ARG B 731 -11.63 -41.57 23.28
C ARG B 731 -12.45 -40.67 24.20
N THR B 732 -12.08 -40.61 25.48
CA THR B 732 -12.87 -39.89 26.47
C THR B 732 -12.87 -38.39 26.22
N VAL B 733 -11.70 -37.83 25.95
CA VAL B 733 -11.61 -36.38 25.73
C VAL B 733 -12.22 -35.99 24.39
N LEU B 734 -12.09 -36.82 23.35
CA LEU B 734 -12.74 -36.54 22.07
C LEU B 734 -14.26 -36.60 22.20
N LYS B 735 -14.77 -37.58 22.95
CA LYS B 735 -16.20 -37.72 23.14
C LYS B 735 -16.77 -36.57 23.97
N GLN B 736 -16.07 -36.14 25.01
CA GLN B 736 -16.62 -35.07 25.83
C GLN B 736 -16.47 -33.70 25.17
N GLU B 737 -15.42 -33.47 24.37
CA GLU B 737 -15.35 -32.23 23.63
C GLU B 737 -16.36 -32.21 22.49
N MET B 738 -16.67 -33.37 21.91
CA MET B 738 -17.71 -33.44 20.89
C MET B 738 -19.07 -33.23 21.51
N ASN B 739 -19.27 -33.70 22.75
CA ASN B 739 -20.49 -33.42 23.49
C ASN B 739 -20.59 -31.94 23.83
N ARG B 740 -19.45 -31.29 24.07
CA ARG B 740 -19.43 -29.86 24.38
C ARG B 740 -19.82 -29.03 23.16
N LEU B 741 -19.16 -29.26 22.03
CA LEU B 741 -19.34 -28.34 20.90
C LEU B 741 -20.43 -28.79 19.93
N PHE B 742 -20.71 -30.08 19.85
CA PHE B 742 -21.46 -30.66 18.74
C PHE B 742 -22.80 -31.24 19.14
N GLY B 743 -22.81 -32.19 20.07
CA GLY B 743 -24.00 -32.96 20.37
C GLY B 743 -23.90 -34.38 19.84
N ALA B 744 -25.05 -34.89 19.41
CA ALA B 744 -25.14 -36.20 18.78
C ALA B 744 -26.12 -36.14 17.62
N THR B 745 -25.61 -35.82 16.42
CA THR B 745 -26.42 -35.85 15.21
C THR B 745 -25.70 -36.56 14.07
N ASN B 746 -26.41 -36.79 12.98
CA ASN B 746 -25.92 -37.39 11.75
C ASN B 746 -25.49 -36.30 10.76
N PRO B 747 -24.68 -36.64 9.76
CA PRO B 747 -24.33 -35.64 8.74
C PRO B 747 -25.51 -35.17 7.88
N LYS B 748 -26.51 -36.02 7.67
CA LYS B 748 -27.55 -35.72 6.68
C LYS B 748 -28.48 -34.61 7.16
N ASN B 749 -29.03 -34.75 8.36
CA ASN B 749 -29.92 -33.70 8.88
C ASN B 749 -29.16 -32.43 9.23
N PHE B 750 -27.88 -32.56 9.59
CA PHE B 750 -27.06 -31.39 9.89
C PHE B 750 -26.77 -30.57 8.64
N ASN B 751 -26.43 -31.25 7.54
CA ASN B 751 -26.31 -30.56 6.25
C ASN B 751 -27.65 -30.05 5.75
N GLU B 752 -28.76 -30.73 6.09
CA GLU B 752 -30.08 -30.23 5.72
C GLU B 752 -30.41 -28.91 6.42
N THR B 753 -30.13 -28.85 7.73
CA THR B 753 -30.30 -27.61 8.48
C THR B 753 -29.38 -26.52 7.96
N PHE B 754 -28.15 -26.89 7.58
CA PHE B 754 -27.19 -25.91 7.05
C PHE B 754 -27.63 -25.38 5.69
N LEU B 755 -28.17 -26.24 4.82
CA LEU B 755 -28.62 -25.75 3.52
C LEU B 755 -29.93 -24.99 3.63
N LYS B 756 -30.72 -25.23 4.67
CA LYS B 756 -31.95 -24.47 4.81
C LYS B 756 -31.71 -23.10 5.43
N ARG B 757 -30.77 -22.99 6.39
CA ARG B 757 -30.46 -21.67 6.93
C ARG B 757 -29.66 -20.81 5.95
N ASN B 758 -29.05 -21.41 4.94
CA ASN B 758 -28.36 -20.66 3.90
C ASN B 758 -29.00 -20.94 2.54
N SER B 759 -30.33 -20.87 2.49
CA SER B 759 -31.07 -21.23 1.28
C SER B 759 -31.07 -20.13 0.21
N ASP B 760 -30.25 -19.10 0.35
CA ASP B 760 -30.16 -18.04 -0.65
C ASP B 760 -28.72 -17.72 -1.02
N SER B 761 -27.75 -18.29 -0.33
CA SER B 761 -26.33 -18.01 -0.53
C SER B 761 -25.73 -19.06 -1.46
N LEU B 762 -25.31 -18.62 -2.64
CA LEU B 762 -24.79 -19.49 -3.69
C LEU B 762 -23.44 -20.18 -3.36
N PRO B 763 -22.44 -19.52 -2.74
CA PRO B 763 -21.27 -20.31 -2.30
C PRO B 763 -21.60 -21.31 -1.20
N HIS B 764 -22.50 -20.95 -0.29
CA HIS B 764 -22.99 -21.91 0.70
C HIS B 764 -23.80 -23.02 0.04
N ARG B 765 -24.49 -22.72 -1.07
CA ARG B 765 -25.27 -23.73 -1.77
C ARG B 765 -24.38 -24.73 -2.48
N LEU B 766 -23.31 -24.24 -3.13
CA LEU B 766 -22.28 -25.13 -3.65
C LEU B 766 -21.60 -25.93 -2.55
N SER B 767 -21.40 -25.29 -1.39
CA SER B 767 -20.73 -25.94 -0.27
C SER B 767 -21.55 -27.10 0.28
N ALA B 768 -22.87 -26.94 0.33
CA ALA B 768 -23.73 -28.07 0.71
C ALA B 768 -23.87 -29.09 -0.41
N ALA B 769 -23.83 -28.63 -1.67
CA ALA B 769 -23.96 -29.55 -2.80
C ALA B 769 -22.73 -30.43 -2.96
N LYS B 770 -21.59 -30.01 -2.42
CA LYS B 770 -20.42 -30.89 -2.40
C LYS B 770 -20.65 -32.08 -1.47
N MET B 771 -21.08 -31.84 -0.23
CA MET B 771 -21.23 -32.96 0.68
C MET B 771 -22.51 -33.76 0.46
N VAL B 772 -23.50 -33.22 -0.26
CA VAL B 772 -24.68 -34.04 -0.58
C VAL B 772 -24.34 -35.10 -1.62
N TYR B 773 -23.21 -34.97 -2.31
CA TYR B 773 -22.63 -36.04 -3.11
C TYR B 773 -21.53 -36.80 -2.39
N TYR B 774 -20.78 -36.13 -1.51
CA TYR B 774 -19.67 -36.78 -0.82
C TYR B 774 -20.14 -37.81 0.19
N LEU B 775 -21.18 -37.49 0.97
CA LEU B 775 -21.66 -38.43 1.98
C LEU B 775 -22.37 -39.62 1.36
N ASP B 776 -22.98 -39.43 0.19
CA ASP B 776 -23.62 -40.51 -0.55
C ASP B 776 -23.56 -40.23 -2.05
N PRO B 777 -22.85 -41.04 -2.84
CA PRO B 777 -22.74 -40.77 -4.28
C PRO B 777 -24.02 -41.02 -5.06
N SER B 778 -24.99 -41.74 -4.49
CA SER B 778 -26.21 -42.08 -5.22
C SER B 778 -27.18 -40.91 -5.35
N SER B 779 -26.99 -39.83 -4.59
CA SER B 779 -27.86 -38.66 -4.64
C SER B 779 -27.34 -37.59 -5.59
N GLN B 780 -26.55 -37.99 -6.59
CA GLN B 780 -25.92 -37.04 -7.51
C GLN B 780 -26.94 -36.31 -8.36
N LYS B 781 -28.07 -36.97 -8.66
CA LYS B 781 -29.16 -36.31 -9.38
C LYS B 781 -29.75 -35.15 -8.57
N ARG B 782 -29.68 -35.23 -7.24
CA ARG B 782 -30.07 -34.11 -6.41
C ARG B 782 -29.06 -32.97 -6.51
N ALA B 783 -27.77 -33.30 -6.70
CA ALA B 783 -26.71 -32.31 -6.63
C ALA B 783 -26.79 -31.33 -7.80
N ILE B 784 -26.98 -31.84 -9.01
CA ILE B 784 -27.28 -30.99 -10.17
C ILE B 784 -28.60 -30.27 -9.96
N GLU B 785 -29.54 -30.93 -9.27
CA GLU B 785 -30.79 -30.25 -8.90
C GLU B 785 -30.56 -29.15 -7.87
N LEU B 786 -29.45 -29.20 -7.12
CA LEU B 786 -29.24 -28.24 -6.05
C LEU B 786 -28.40 -27.04 -6.48
N ALA B 787 -27.44 -27.23 -7.39
CA ALA B 787 -26.49 -26.18 -7.74
C ALA B 787 -26.65 -25.69 -9.18
N THR B 788 -27.88 -25.49 -9.62
CA THR B 788 -28.18 -25.00 -10.97
C THR B 788 -29.14 -23.82 -10.93
N THR B 789 -29.59 -23.41 -9.73
CA THR B 789 -30.54 -22.32 -9.60
C THR B 789 -29.91 -21.00 -10.02
N LEU B 790 -30.70 -20.17 -10.73
CA LEU B 790 -30.17 -19.01 -11.43
C LEU B 790 -31.04 -17.76 -11.28
N ASP B 791 -31.96 -17.74 -10.32
CA ASP B 791 -32.87 -16.60 -10.20
C ASP B 791 -32.16 -15.37 -9.65
N GLU B 792 -32.80 -14.22 -9.85
CA GLU B 792 -32.20 -12.93 -9.54
C GLU B 792 -32.15 -12.61 -8.06
N SER B 793 -32.78 -13.43 -7.21
CA SER B 793 -32.81 -13.17 -5.77
C SER B 793 -31.60 -13.74 -5.03
N LEU B 794 -30.60 -14.24 -5.74
CA LEU B 794 -29.46 -14.86 -5.09
C LEU B 794 -28.51 -13.82 -4.52
N THR B 795 -27.92 -14.13 -3.37
CA THR B 795 -26.95 -13.26 -2.74
C THR B 795 -25.54 -13.62 -3.21
N ASN B 796 -24.77 -12.58 -3.56
CA ASN B 796 -23.37 -12.70 -4.01
C ASN B 796 -23.26 -13.55 -5.28
N ARG B 797 -24.01 -13.15 -6.31
CA ARG B 797 -23.98 -13.84 -7.59
C ARG B 797 -23.19 -13.01 -8.60
N ASN B 798 -21.88 -13.30 -8.65
CA ASN B 798 -20.96 -12.66 -9.57
C ASN B 798 -20.31 -13.70 -10.47
N LEU B 799 -19.40 -13.24 -11.34
CA LEU B 799 -18.65 -14.15 -12.20
C LEU B 799 -17.65 -15.00 -11.43
N GLN B 800 -17.25 -14.57 -10.23
CA GLN B 800 -16.36 -15.38 -9.40
C GLN B 800 -17.04 -16.68 -8.99
N THR B 801 -18.28 -16.60 -8.50
CA THR B 801 -19.03 -17.79 -8.11
C THR B 801 -19.45 -18.65 -9.30
N CYS B 802 -19.70 -18.05 -10.47
CA CYS B 802 -20.08 -18.85 -11.63
C CYS B 802 -18.87 -19.59 -12.21
N MET B 803 -17.72 -18.92 -12.26
CA MET B 803 -16.49 -19.61 -12.63
C MET B 803 -16.13 -20.66 -11.59
N GLU B 804 -16.46 -20.41 -10.32
CA GLU B 804 -16.21 -21.40 -9.28
C GLU B 804 -17.13 -22.60 -9.42
N VAL B 805 -18.39 -22.41 -9.82
CA VAL B 805 -19.29 -23.55 -9.90
C VAL B 805 -18.98 -24.38 -11.16
N LEU B 806 -18.53 -23.74 -12.25
CA LEU B 806 -18.10 -24.56 -13.39
C LEU B 806 -16.76 -25.25 -13.12
N GLU B 807 -15.86 -24.58 -12.39
CA GLU B 807 -14.59 -25.22 -12.04
C GLU B 807 -14.80 -26.38 -11.08
N ALA B 808 -15.67 -26.23 -10.09
CA ALA B 808 -15.99 -27.32 -9.19
C ALA B 808 -16.80 -28.42 -9.86
N LEU B 809 -17.54 -28.09 -10.92
CA LEU B 809 -18.21 -29.14 -11.69
C LEU B 809 -17.21 -29.95 -12.48
N TYR B 810 -16.19 -29.30 -13.05
CA TYR B 810 -15.20 -30.05 -13.82
C TYR B 810 -14.00 -30.54 -13.00
N ASP B 811 -13.98 -30.28 -11.68
CA ASP B 811 -12.94 -30.88 -10.84
C ASP B 811 -13.21 -32.33 -10.51
N GLY B 812 -14.44 -32.81 -10.72
CA GLY B 812 -14.78 -34.18 -10.41
C GLY B 812 -15.18 -34.44 -8.98
N SER B 813 -15.33 -33.39 -8.16
CA SER B 813 -15.77 -33.57 -6.78
C SER B 813 -17.27 -33.77 -6.66
N LEU B 814 -18.03 -33.45 -7.70
CA LEU B 814 -19.48 -33.61 -7.67
C LEU B 814 -19.98 -34.68 -8.63
N GLY B 815 -19.31 -34.90 -9.76
CA GLY B 815 -19.68 -35.93 -10.69
C GLY B 815 -19.37 -35.54 -12.12
N ASP B 816 -19.52 -36.52 -13.01
CA ASP B 816 -19.23 -36.34 -14.43
C ASP B 816 -20.55 -35.97 -15.13
N CYS B 817 -20.68 -34.72 -15.54
CA CYS B 817 -21.99 -34.14 -15.86
C CYS B 817 -21.95 -33.37 -17.18
N LYS B 818 -21.47 -34.02 -18.25
CA LYS B 818 -21.42 -33.38 -19.57
C LYS B 818 -22.76 -33.35 -20.30
N GLU B 819 -23.88 -33.58 -19.62
CA GLU B 819 -25.19 -33.51 -20.26
C GLU B 819 -26.00 -32.29 -19.83
N ALA B 820 -25.53 -31.53 -18.84
CA ALA B 820 -26.21 -30.33 -18.39
C ALA B 820 -25.30 -29.13 -18.23
N ALA B 821 -23.97 -29.35 -18.19
CA ALA B 821 -23.04 -28.25 -18.05
C ALA B 821 -23.03 -27.37 -19.29
N GLU B 822 -23.32 -27.94 -20.46
CA GLU B 822 -23.34 -27.15 -21.68
C GLU B 822 -24.56 -26.22 -21.71
N ILE B 823 -25.72 -26.68 -21.22
CA ILE B 823 -26.87 -25.80 -21.22
C ILE B 823 -26.77 -24.82 -20.04
N TYR B 824 -26.04 -25.19 -18.98
CA TYR B 824 -25.84 -24.24 -17.89
C TYR B 824 -24.87 -23.13 -18.28
N ARG B 825 -23.80 -23.45 -19.03
CA ARG B 825 -22.94 -22.37 -19.50
C ARG B 825 -23.60 -21.57 -20.62
N ALA B 826 -24.48 -22.20 -21.42
CA ALA B 826 -25.23 -21.46 -22.42
C ALA B 826 -26.27 -20.54 -21.78
N ASN B 827 -26.78 -20.88 -20.60
CA ASN B 827 -27.69 -19.98 -19.91
C ASN B 827 -26.93 -18.90 -19.15
N CYS B 828 -25.74 -19.21 -18.61
CA CYS B 828 -24.94 -18.22 -17.92
C CYS B 828 -24.27 -17.23 -18.86
N HIS B 829 -24.01 -17.63 -20.11
CA HIS B 829 -23.39 -16.73 -21.07
C HIS B 829 -24.37 -15.65 -21.55
N LYS B 830 -25.67 -15.93 -21.46
CA LYS B 830 -26.66 -14.92 -21.83
C LYS B 830 -26.78 -13.84 -20.78
N LEU B 831 -26.46 -14.15 -19.52
CA LEU B 831 -26.47 -13.16 -18.45
C LEU B 831 -25.12 -12.50 -18.25
N PHE B 832 -24.04 -13.08 -18.78
CA PHE B 832 -22.69 -12.53 -18.67
C PHE B 832 -21.99 -12.73 -20.00
N PRO B 833 -22.15 -11.80 -20.95
CA PRO B 833 -21.61 -12.04 -22.30
C PRO B 833 -20.10 -11.88 -22.39
N TYR B 834 -19.48 -11.12 -21.49
CA TYR B 834 -18.09 -10.69 -21.66
C TYR B 834 -17.12 -11.47 -20.78
N ALA B 835 -17.34 -12.77 -20.62
CA ALA B 835 -16.42 -13.64 -19.90
C ALA B 835 -15.80 -14.66 -20.85
N LEU B 836 -14.52 -14.94 -20.66
CA LEU B 836 -13.83 -15.88 -21.55
C LEU B 836 -14.09 -17.33 -21.18
N ALA B 837 -14.43 -17.60 -19.92
CA ALA B 837 -14.70 -18.97 -19.49
C ALA B 837 -16.11 -19.42 -19.81
N PHE B 838 -16.94 -18.55 -20.38
CA PHE B 838 -18.30 -18.89 -20.76
C PHE B 838 -18.52 -18.73 -22.27
N MET B 839 -17.44 -18.55 -23.03
CA MET B 839 -17.51 -18.53 -24.47
C MET B 839 -17.82 -19.93 -24.99
N PRO B 840 -18.58 -20.03 -26.08
CA PRO B 840 -18.80 -21.34 -26.69
C PRO B 840 -17.55 -21.83 -27.40
N PRO B 841 -17.05 -23.03 -27.05
CA PRO B 841 -15.83 -23.58 -27.65
C PRO B 841 -16.00 -23.95 -29.12
C ACE C 1 -8.52 9.79 2.96
O ACE C 1 -8.27 8.64 3.11
CH3 ACE C 1 -9.96 10.24 2.73
N MET C 2 -7.60 10.74 2.99
CA MET C 2 -6.18 10.45 3.19
C MET C 2 -5.81 10.47 4.67
N ASN C 3 -4.52 10.27 4.94
CA ASN C 3 -3.98 10.34 6.30
C ASN C 3 -2.48 10.60 6.23
N ILE C 4 -2.03 11.62 6.94
CA ILE C 4 -0.60 11.87 7.13
C ILE C 4 -0.30 11.67 8.60
N ARG C 5 0.59 10.72 8.90
CA ARG C 5 0.91 10.43 10.28
C ARG C 5 2.36 10.01 10.41
N ASN C 6 2.79 9.84 11.65
CA ASN C 6 4.21 9.67 11.97
C ASN C 6 4.69 8.29 11.56
N ALA C 7 6.00 8.10 11.59
CA ALA C 7 6.63 6.87 11.11
C ALA C 7 6.67 5.84 12.23
N ARG C 8 5.59 5.07 12.33
CA ARG C 8 5.65 3.86 13.15
C ARG C 8 6.45 2.80 12.40
N PRO C 9 7.44 2.19 13.06
CA PRO C 9 8.35 1.27 12.34
C PRO C 9 7.70 0.02 11.80
N GLU C 10 6.70 -0.55 12.49
CA GLU C 10 6.05 -1.76 12.00
C GLU C 10 5.25 -1.51 10.73
N ASP C 11 4.93 -0.25 10.44
CA ASP C 11 4.37 0.08 9.14
C ASP C 11 5.40 0.05 8.02
N LEU C 12 6.63 0.56 8.27
CA LEU C 12 7.48 1.04 7.17
C LEU C 12 7.94 -0.08 6.24
N MET C 13 7.95 -1.31 6.72
CA MET C 13 8.32 -2.45 5.91
C MET C 13 7.30 -2.79 4.82
N ASN C 14 6.18 -2.07 4.71
CA ASN C 14 5.39 -2.17 3.49
C ASN C 14 5.54 -0.99 2.55
N MET C 15 6.04 0.16 3.02
CA MET C 15 6.12 1.32 2.13
C MET C 15 7.28 1.20 1.16
N GLN C 16 8.26 0.34 1.47
CA GLN C 16 9.24 -0.09 0.47
C GLN C 16 8.55 -0.79 -0.70
N HIS C 17 7.46 -1.50 -0.42
CA HIS C 17 6.58 -2.03 -1.47
C HIS C 17 6.06 -0.94 -2.38
N CYS C 18 5.82 0.26 -1.84
CA CYS C 18 5.49 1.40 -2.69
C CYS C 18 6.69 1.83 -3.53
N ASN C 19 7.89 1.81 -2.92
CA ASN C 19 9.13 2.18 -3.60
C ASN C 19 9.36 1.33 -4.84
N LEU C 20 9.40 0.01 -4.67
CA LEU C 20 9.53 -0.95 -5.76
C LEU C 20 8.36 -0.92 -6.73
N LEU C 21 7.27 -0.21 -6.41
CA LEU C 21 6.16 -0.07 -7.34
C LEU C 21 6.08 1.33 -7.95
N CYS C 22 6.81 2.33 -7.40
CA CYS C 22 6.57 3.65 -7.98
C CYS C 22 7.81 4.30 -8.58
N LEU C 23 8.92 4.37 -7.84
CA LEU C 23 10.06 5.08 -8.40
C LEU C 23 11.23 4.12 -8.57
N PRO C 24 12.04 4.29 -9.63
CA PRO C 24 12.99 3.22 -9.98
C PRO C 24 14.21 3.13 -9.08
N GLU C 25 14.54 4.17 -8.33
CA GLU C 25 15.74 4.16 -7.49
C GLU C 25 15.46 3.32 -6.25
N ASN C 26 16.04 2.13 -6.20
CA ASN C 26 15.75 1.17 -5.13
C ASN C 26 16.87 1.14 -4.10
N TYR C 27 16.49 0.87 -2.85
CA TYR C 27 17.41 0.92 -1.72
C TYR C 27 17.32 -0.38 -0.92
N GLN C 28 18.35 -0.61 -0.10
CA GLN C 28 18.38 -1.73 0.82
C GLN C 28 17.42 -1.47 1.99
N MET C 29 16.90 -2.54 2.58
CA MET C 29 15.95 -2.40 3.68
C MET C 29 16.64 -2.01 4.99
N LYS C 30 17.91 -2.35 5.15
CA LYS C 30 18.66 -1.96 6.34
C LYS C 30 18.84 -0.44 6.41
N TYR C 31 18.87 0.22 5.25
CA TYR C 31 18.77 1.68 5.18
C TYR C 31 17.47 2.18 5.80
N TYR C 32 16.36 1.49 5.52
CA TYR C 32 15.07 1.86 6.10
C TYR C 32 15.02 1.62 7.61
N PHE C 33 15.59 0.50 8.09
CA PHE C 33 15.62 0.27 9.53
C PHE C 33 16.60 1.20 10.23
N TYR C 34 17.60 1.71 9.51
CA TYR C 34 18.49 2.70 10.11
C TYR C 34 17.79 4.04 10.23
N HIS C 35 17.13 4.50 9.17
CA HIS C 35 16.47 5.79 9.24
C HIS C 35 15.06 5.72 9.81
N GLY C 36 14.63 4.55 10.30
CA GLY C 36 13.43 4.48 11.10
C GLY C 36 13.68 4.65 12.58
N LEU C 37 14.93 4.48 13.03
CA LEU C 37 15.30 4.61 14.43
C LEU C 37 16.12 5.85 14.72
N SER C 38 16.93 6.33 13.77
CA SER C 38 17.85 7.42 14.07
C SER C 38 17.12 8.75 14.19
N TRP C 39 16.21 9.06 13.26
CA TRP C 39 15.34 10.22 13.35
C TRP C 39 13.95 9.80 12.92
N PRO C 40 13.10 9.41 13.87
CA PRO C 40 11.76 8.93 13.50
C PRO C 40 10.75 10.03 13.24
N GLN C 41 11.09 11.28 13.52
CA GLN C 41 10.10 12.34 13.52
C GLN C 41 9.86 12.94 12.14
N LEU C 42 10.90 13.06 11.30
CA LEU C 42 10.80 13.85 10.08
C LEU C 42 10.25 13.07 8.91
N SER C 43 10.10 11.75 9.03
CA SER C 43 9.55 10.93 7.95
C SER C 43 8.09 10.59 8.24
N TYR C 44 7.26 10.65 7.20
CA TYR C 44 5.82 10.56 7.38
C TYR C 44 5.21 9.61 6.36
N ILE C 45 4.02 9.10 6.70
CA ILE C 45 3.32 8.10 5.92
C ILE C 45 1.90 8.59 5.65
N ALA C 46 1.50 8.53 4.38
CA ALA C 46 0.14 8.85 3.94
C ALA C 46 -0.58 7.57 3.56
N GLU C 47 -1.76 7.39 4.14
CA GLU C 47 -2.58 6.20 3.98
C GLU C 47 -4.00 6.58 3.56
N ASP C 48 -4.79 5.53 3.30
CA ASP C 48 -6.23 5.64 3.13
C ASP C 48 -6.93 4.78 4.18
N GLU C 49 -8.24 4.58 4.02
CA GLU C 49 -9.07 3.95 5.04
C GLU C 49 -8.75 2.48 5.31
N ASN C 50 -8.46 1.70 4.27
CA ASN C 50 -8.34 0.25 4.43
C ASN C 50 -6.99 -0.20 4.94
N GLY C 51 -6.11 0.72 5.35
CA GLY C 51 -4.79 0.36 5.81
C GLY C 51 -3.76 0.18 4.73
N LYS C 52 -4.13 0.33 3.46
CA LYS C 52 -3.20 0.22 2.36
C LYS C 52 -2.30 1.45 2.33
N ILE C 53 -1.01 1.24 2.10
CA ILE C 53 -0.08 2.34 1.92
C ILE C 53 -0.31 2.99 0.56
N VAL C 54 -0.39 4.31 0.54
CA VAL C 54 -0.56 5.04 -0.71
C VAL C 54 0.54 6.08 -0.94
N GLY C 55 1.27 6.51 0.10
CA GLY C 55 2.37 7.43 -0.12
C GLY C 55 3.26 7.55 1.11
N TYR C 56 4.45 8.10 0.88
CA TYR C 56 5.41 8.25 1.96
C TYR C 56 6.43 9.33 1.64
N VAL C 57 6.99 9.90 2.71
CA VAL C 57 8.24 10.65 2.68
C VAL C 57 9.19 9.98 3.67
N LEU C 58 10.31 9.49 3.16
CA LEU C 58 11.41 8.98 3.98
C LEU C 58 12.51 10.01 3.83
N ALA C 59 12.86 10.68 4.94
CA ALA C 59 13.80 11.78 4.88
C ALA C 59 15.00 11.56 5.80
N LYS C 60 15.89 12.55 5.85
CA LYS C 60 17.16 12.39 6.54
C LYS C 60 17.68 13.76 6.93
N MET C 61 18.21 13.87 8.14
CA MET C 61 18.99 15.03 8.55
C MET C 61 20.45 14.70 8.29
N GLU C 62 21.05 15.39 7.32
CA GLU C 62 22.43 15.10 6.95
C GLU C 62 23.39 15.64 8.02
N GLU C 63 24.21 14.75 8.57
CA GLU C 63 25.15 15.11 9.62
C GLU C 63 26.45 15.59 8.97
N ASP C 64 26.72 16.88 9.10
CA ASP C 64 27.94 17.48 8.53
C ASP C 64 28.47 18.51 9.51
N PRO C 65 29.55 18.20 10.22
CA PRO C 65 30.10 19.15 11.21
C PRO C 65 30.87 20.31 10.62
N ASP C 66 31.19 20.27 9.33
CA ASP C 66 31.94 21.36 8.69
C ASP C 66 31.10 22.61 8.49
N ASP C 67 29.76 22.48 8.47
CA ASP C 67 28.87 23.61 8.30
C ASP C 67 27.71 23.45 9.28
N VAL C 68 26.66 24.24 9.08
CA VAL C 68 25.45 24.17 9.90
C VAL C 68 24.72 22.86 9.58
N PRO C 69 23.99 22.28 10.54
CA PRO C 69 23.22 21.06 10.25
C PRO C 69 22.04 21.37 9.35
N HIS C 70 21.73 20.41 8.47
CA HIS C 70 20.68 20.58 7.48
C HIS C 70 20.05 19.23 7.19
N GLY C 71 18.91 19.27 6.50
CA GLY C 71 18.18 18.08 6.13
C GLY C 71 18.48 17.62 4.72
N HIS C 72 17.95 16.45 4.39
CA HIS C 72 18.16 15.85 3.07
C HIS C 72 16.98 14.92 2.79
N ILE C 73 16.08 15.36 1.91
CA ILE C 73 14.93 14.55 1.52
C ILE C 73 15.43 13.42 0.62
N THR C 74 15.15 12.18 1.02
CA THR C 74 15.65 11.03 0.27
C THR C 74 14.58 10.45 -0.65
N SER C 75 13.35 10.31 -0.17
CA SER C 75 12.32 9.69 -0.98
C SER C 75 10.96 10.32 -0.70
N LEU C 76 10.28 10.68 -1.79
CA LEU C 76 8.90 11.13 -1.82
C LEU C 76 8.17 10.32 -2.89
N ALA C 77 7.08 9.66 -2.49
CA ALA C 77 6.35 8.88 -3.49
C ALA C 77 4.88 8.80 -3.12
N VAL C 78 4.05 8.73 -4.16
CA VAL C 78 2.61 8.48 -4.04
C VAL C 78 2.23 7.74 -5.32
N LYS C 79 1.09 7.04 -5.31
CA LYS C 79 0.67 6.24 -6.45
C LYS C 79 -0.01 7.13 -7.49
N ARG C 80 0.14 6.72 -8.76
CA ARG C 80 -0.53 7.41 -9.86
C ARG C 80 -2.03 7.17 -9.86
N SER C 81 -2.50 6.06 -9.29
CA SER C 81 -3.93 5.84 -9.17
C SER C 81 -4.59 6.77 -8.16
N HIS C 82 -3.82 7.33 -7.22
CA HIS C 82 -4.33 8.26 -6.21
C HIS C 82 -3.62 9.61 -6.25
N ARG C 83 -3.27 10.09 -7.44
CA ARG C 83 -2.55 11.36 -7.54
C ARG C 83 -3.51 12.50 -7.90
N ARG C 84 -2.96 13.71 -7.93
CA ARG C 84 -3.68 14.98 -8.08
C ARG C 84 -4.78 15.13 -7.02
N LEU C 85 -4.35 15.09 -5.76
CA LEU C 85 -5.19 15.51 -4.64
C LEU C 85 -4.49 16.44 -3.67
N GLY C 86 -3.24 16.82 -3.94
CA GLY C 86 -2.51 17.63 -3.01
C GLY C 86 -1.87 16.81 -1.91
N LEU C 87 -1.25 15.68 -2.29
CA LEU C 87 -0.58 14.86 -1.31
C LEU C 87 0.84 15.31 -1.05
N ALA C 88 1.65 15.41 -2.12
CA ALA C 88 3.10 15.51 -2.01
C ALA C 88 3.53 16.81 -1.34
N GLN C 89 2.83 17.90 -1.61
CA GLN C 89 3.14 19.16 -0.93
C GLN C 89 2.78 19.12 0.55
N LYS C 90 1.70 18.43 0.92
CA LYS C 90 1.37 18.28 2.33
C LYS C 90 2.39 17.43 3.06
N LEU C 91 2.80 16.32 2.46
CA LEU C 91 3.84 15.48 3.06
C LEU C 91 5.16 16.24 3.17
N MET C 92 5.49 17.04 2.15
CA MET C 92 6.77 17.74 2.14
C MET C 92 6.81 18.86 3.17
N ASP C 93 5.74 19.66 3.29
CA ASP C 93 5.83 20.72 4.28
C ASP C 93 5.53 20.24 5.70
N GLN C 94 4.85 19.10 5.88
CA GLN C 94 4.82 18.48 7.20
C GLN C 94 6.20 17.99 7.61
N ALA C 95 6.96 17.40 6.68
CA ALA C 95 8.32 16.99 6.98
C ALA C 95 9.21 18.20 7.26
N SER C 96 8.99 19.30 6.53
CA SER C 96 9.77 20.52 6.73
C SER C 96 9.48 21.16 8.08
N ARG C 97 8.21 21.19 8.50
CA ARG C 97 7.90 21.76 9.80
C ARG C 97 8.32 20.83 10.92
N ALA C 98 8.36 19.52 10.67
CA ALA C 98 8.92 18.60 11.66
C ALA C 98 10.41 18.83 11.85
N MET C 99 11.14 19.08 10.76
CA MET C 99 12.56 19.39 10.87
C MET C 99 12.80 20.72 11.58
N ILE C 100 12.00 21.74 11.25
CA ILE C 100 12.22 23.05 11.86
C ILE C 100 11.74 23.07 13.31
N GLU C 101 10.87 22.13 13.72
CA GLU C 101 10.48 22.06 15.12
C GLU C 101 11.34 21.10 15.93
N ASN C 102 12.06 20.17 15.29
CA ASN C 102 12.91 19.36 16.15
C ASN C 102 14.36 19.88 16.19
N PHE C 103 15.02 20.09 15.04
CA PHE C 103 16.41 20.51 15.12
C PHE C 103 16.78 21.51 14.01
N ASN C 104 15.87 22.46 13.75
CA ASN C 104 16.19 23.77 13.17
C ASN C 104 16.84 23.68 11.78
N ALA C 105 16.07 23.19 10.81
CA ALA C 105 16.58 23.00 9.46
C ALA C 105 16.86 24.34 8.77
N LYS C 106 18.13 24.58 8.48
CA LYS C 106 18.57 25.78 7.78
C LYS C 106 18.14 25.79 6.32
N TYR C 107 18.28 24.66 5.64
CA TYR C 107 17.84 24.51 4.27
C TYR C 107 17.54 23.03 4.03
N VAL C 108 16.72 22.76 3.01
CA VAL C 108 16.47 21.38 2.60
C VAL C 108 16.97 21.21 1.18
N SER C 109 17.31 19.97 0.84
CA SER C 109 17.91 19.67 -0.45
C SER C 109 17.46 18.31 -0.96
N LEU C 110 17.29 18.22 -2.27
CA LEU C 110 16.95 16.95 -2.91
C LEU C 110 17.56 16.93 -4.30
N HIS C 111 17.43 15.77 -4.96
CA HIS C 111 17.92 15.58 -6.31
C HIS C 111 16.80 15.01 -7.16
N VAL C 112 16.49 15.69 -8.27
CA VAL C 112 15.38 15.29 -9.12
C VAL C 112 15.84 15.28 -10.59
N ARG C 113 15.38 14.29 -11.34
CA ARG C 113 15.79 14.16 -12.73
C ARG C 113 15.14 15.23 -13.60
N LYS C 114 15.60 15.31 -14.86
CA LYS C 114 15.17 16.35 -15.77
C LYS C 114 14.00 15.91 -16.66
N SER C 115 13.83 14.60 -16.85
CA SER C 115 12.88 14.12 -17.85
C SER C 115 11.43 14.26 -17.40
N ASN C 116 11.16 14.11 -16.10
CA ASN C 116 9.79 14.24 -15.60
C ASN C 116 9.37 15.70 -15.62
N ARG C 117 8.07 15.93 -15.85
CA ARG C 117 7.60 17.31 -15.97
C ARG C 117 6.70 17.69 -14.81
N ALA C 118 5.83 16.78 -14.37
CA ALA C 118 4.90 17.08 -13.28
C ALA C 118 5.61 17.26 -11.95
N ALA C 119 6.55 16.36 -11.63
CA ALA C 119 7.35 16.51 -10.43
C ALA C 119 8.25 17.73 -10.50
N LEU C 120 8.82 18.02 -11.67
CA LEU C 120 9.65 19.20 -11.85
C LEU C 120 8.85 20.48 -11.63
N HIS C 121 7.61 20.50 -12.14
CA HIS C 121 6.71 21.63 -11.95
C HIS C 121 6.35 21.81 -10.47
N LEU C 122 6.00 20.70 -9.81
CA LEU C 122 5.60 20.73 -8.40
C LEU C 122 6.75 21.16 -7.48
N TYR C 123 7.97 20.68 -7.74
CA TYR C 123 9.09 21.16 -6.96
C TYR C 123 9.46 22.60 -7.33
N SER C 124 9.19 23.00 -8.58
CA SER C 124 9.68 24.28 -9.07
C SER C 124 8.85 25.45 -8.56
N ASN C 125 7.57 25.50 -8.93
CA ASN C 125 6.89 26.77 -8.69
C ASN C 125 5.95 26.74 -7.47
N THR C 126 5.29 25.61 -7.22
CA THR C 126 4.32 25.55 -6.14
C THR C 126 4.97 25.49 -4.76
N LEU C 127 5.84 24.52 -4.54
CA LEU C 127 6.52 24.37 -3.26
C LEU C 127 7.77 25.23 -3.19
N ASN C 128 8.19 25.81 -4.32
CA ASN C 128 9.23 26.84 -4.43
C ASN C 128 10.60 26.34 -3.97
N PHE C 129 11.12 25.34 -4.67
CA PHE C 129 12.54 25.06 -4.64
C PHE C 129 13.26 25.95 -5.65
N GLN C 130 14.55 26.15 -5.42
CA GLN C 130 15.39 26.92 -6.34
C GLN C 130 16.54 26.04 -6.83
N ILE C 131 16.81 26.11 -8.13
CA ILE C 131 17.86 25.29 -8.72
C ILE C 131 19.21 25.86 -8.32
N SER C 132 20.00 25.05 -7.60
CA SER C 132 21.31 25.46 -7.13
C SER C 132 22.47 24.85 -7.90
N GLU C 133 22.31 23.64 -8.42
CA GLU C 133 23.40 22.96 -9.13
C GLU C 133 22.80 21.90 -10.03
N VAL C 134 23.30 21.83 -11.26
CA VAL C 134 22.91 20.80 -12.22
C VAL C 134 24.04 19.77 -12.25
N GLU C 135 23.81 18.62 -11.61
CA GLU C 135 24.84 17.60 -11.52
C GLU C 135 24.72 16.64 -12.70
N PRO C 136 25.80 16.41 -13.45
CA PRO C 136 25.70 15.52 -14.61
C PRO C 136 25.81 14.05 -14.24
N LYS C 137 24.99 13.24 -14.93
CA LYS C 137 25.02 11.77 -14.90
C LYS C 137 24.83 11.22 -13.49
N TYR C 138 23.65 11.47 -12.94
CA TYR C 138 23.38 11.08 -11.56
C TYR C 138 22.69 9.72 -11.48
N TYR C 139 21.65 9.49 -12.28
CA TYR C 139 20.89 8.26 -12.20
C TYR C 139 21.48 7.18 -13.11
N ALA C 140 20.86 6.01 -13.10
CA ALA C 140 21.41 4.87 -13.83
C ALA C 140 21.04 4.91 -15.30
N ASP C 141 19.85 5.40 -15.64
CA ASP C 141 19.40 5.41 -17.03
C ASP C 141 20.06 6.47 -17.89
N GLY C 142 20.79 7.40 -17.27
CA GLY C 142 21.56 8.37 -18.03
C GLY C 142 20.88 9.70 -18.26
N GLU C 143 20.36 10.30 -17.19
CA GLU C 143 19.77 11.63 -17.25
C GLU C 143 20.41 12.52 -16.20
N ASP C 144 20.61 13.78 -16.55
CA ASP C 144 21.19 14.75 -15.63
C ASP C 144 20.14 15.23 -14.64
N ALA C 145 20.55 15.47 -13.41
CA ALA C 145 19.63 15.76 -12.32
C ALA C 145 19.92 17.12 -11.71
N TYR C 146 18.85 17.85 -11.40
CA TYR C 146 18.94 19.08 -10.64
C TYR C 146 19.12 18.77 -9.16
N ALA C 147 19.97 19.54 -8.49
CA ALA C 147 20.17 19.45 -7.04
C ALA C 147 19.48 20.66 -6.41
N MET C 148 18.21 20.49 -6.09
CA MET C 148 17.38 21.59 -5.63
C MET C 148 17.53 21.82 -4.13
N LYS C 149 17.33 23.07 -3.73
CA LYS C 149 17.43 23.52 -2.35
C LYS C 149 16.29 24.48 -2.05
N ARG C 150 15.88 24.52 -0.78
CA ARG C 150 14.90 25.48 -0.31
C ARG C 150 15.38 26.08 0.99
N ASP C 151 15.24 27.40 1.12
CA ASP C 151 15.57 28.14 2.32
C ASP C 151 14.37 28.11 3.27
N LEU C 152 14.62 27.80 4.55
CA LEU C 152 13.57 27.70 5.54
C LEU C 152 13.79 28.64 6.73
N THR C 153 14.39 29.81 6.49
CA THR C 153 14.54 30.77 7.58
C THR C 153 13.24 31.52 7.85
N GLN C 154 12.49 31.84 6.80
CA GLN C 154 11.18 32.47 6.99
C GLN C 154 10.21 31.49 7.62
N MET C 155 10.33 30.20 7.30
CA MET C 155 9.52 29.19 7.97
C MET C 155 9.95 29.04 9.43
N ALA C 156 11.24 29.24 9.70
CA ALA C 156 11.75 29.19 11.07
C ALA C 156 11.20 30.33 11.91
N ASP C 157 11.15 31.53 11.36
CA ASP C 157 10.62 32.68 12.09
C ASP C 157 9.11 32.74 12.07
N GLU C 158 8.44 31.96 11.20
CA GLU C 158 6.99 31.83 11.33
C GLU C 158 6.60 30.79 12.36
N LEU C 159 7.37 29.71 12.48
CA LEU C 159 7.09 28.70 13.50
C LEU C 159 7.69 29.01 14.86
N ARG C 160 8.60 29.98 14.94
CA ARG C 160 9.15 30.40 16.22
C ARG C 160 8.24 31.38 16.94
N ARG C 161 7.28 31.98 16.24
CA ARG C 161 6.36 32.93 16.85
C ARG C 161 5.19 32.20 17.52
N LYS D 35 27.11 10.85 -9.13
CA LYS D 35 27.72 10.30 -7.93
C LYS D 35 26.62 9.87 -6.96
N HIS D 36 26.29 8.58 -6.98
CA HIS D 36 25.25 8.01 -6.13
C HIS D 36 25.83 6.84 -5.35
N ASP D 37 25.81 6.92 -4.02
CA ASP D 37 26.45 5.94 -3.16
C ASP D 37 25.50 4.83 -2.72
N SER D 38 24.19 5.07 -2.72
CA SER D 38 23.14 4.15 -2.27
C SER D 38 23.34 3.70 -0.82
N GLY D 39 23.86 4.58 0.02
CA GLY D 39 24.00 4.30 1.43
C GLY D 39 25.07 3.28 1.79
N ALA D 40 26.20 3.31 1.09
CA ALA D 40 27.27 2.38 1.43
C ALA D 40 28.04 2.82 2.66
N ALA D 41 28.31 4.12 2.77
CA ALA D 41 28.97 4.69 3.93
C ALA D 41 27.99 5.12 5.01
N ASP D 42 26.70 4.85 4.85
CA ASP D 42 25.72 5.20 5.87
C ASP D 42 25.79 4.25 7.05
N LEU D 43 26.03 2.96 6.80
CA LEU D 43 26.07 1.98 7.87
C LEU D 43 27.49 1.62 8.28
N GLU D 44 28.51 2.26 7.70
CA GLU D 44 29.89 1.96 8.07
C GLU D 44 30.25 2.60 9.41
N ARG D 45 29.81 3.83 9.65
CA ARG D 45 30.06 4.50 10.92
C ARG D 45 29.04 4.12 11.99
N VAL D 46 28.13 3.19 11.70
CA VAL D 46 27.35 2.55 12.75
C VAL D 46 28.23 1.57 13.53
N THR D 47 29.11 0.87 12.83
CA THR D 47 29.97 -0.16 13.40
C THR D 47 31.33 0.37 13.82
N ASP D 48 31.50 1.68 13.97
CA ASP D 48 32.80 2.25 14.28
C ASP D 48 33.15 2.02 15.75
N TYR D 49 34.44 2.23 16.06
CA TYR D 49 34.94 2.11 17.42
C TYR D 49 35.01 3.48 18.07
N ALA D 50 34.53 3.56 19.31
CA ALA D 50 34.57 4.81 20.06
C ALA D 50 34.63 4.48 21.55
N GLU D 51 35.08 5.45 22.33
CA GLU D 51 35.13 5.33 23.78
C GLU D 51 33.99 6.14 24.39
N GLU D 52 33.16 5.47 25.19
CA GLU D 52 31.96 6.08 25.72
C GLU D 52 32.30 7.02 26.88
N LYS D 53 31.35 7.87 27.26
CA LYS D 53 31.61 8.93 28.23
C LYS D 53 31.66 8.37 29.65
N GLU D 54 32.03 9.24 30.58
CA GLU D 54 32.12 8.91 32.00
C GLU D 54 31.18 9.80 32.79
N ILE D 55 30.46 9.19 33.74
CA ILE D 55 29.50 9.89 34.57
C ILE D 55 30.02 9.91 36.00
N GLN D 56 29.97 11.09 36.64
CA GLN D 56 30.45 11.24 38.01
C GLN D 56 29.53 10.51 38.98
N SER D 57 30.14 9.76 39.89
CA SER D 57 29.42 8.97 40.88
C SER D 57 28.83 9.89 41.94
N SER D 58 27.50 9.86 42.07
CA SER D 58 26.84 10.72 43.06
C SER D 58 25.69 9.94 43.70
N ASN D 59 26.04 9.12 44.70
CA ASN D 59 25.13 8.49 45.68
C ASN D 59 23.94 7.77 45.04
N LEU D 60 24.24 6.74 44.26
CA LEU D 60 23.22 5.90 43.63
C LEU D 60 22.83 4.73 44.52
N GLU D 61 23.54 4.53 45.63
CA GLU D 61 23.36 3.36 46.49
C GLU D 61 22.02 3.38 47.21
N THR D 62 21.51 4.56 47.60
CA THR D 62 20.22 4.66 48.27
C THR D 62 19.09 4.20 47.34
N ALA D 63 19.20 4.51 46.05
CA ALA D 63 18.25 3.98 45.09
C ALA D 63 18.43 2.48 44.88
N MET D 64 19.66 2.04 44.57
CA MET D 64 19.85 0.64 44.17
C MET D 64 19.64 -0.33 45.33
N SER D 65 19.62 0.17 46.57
CA SER D 65 19.22 -0.66 47.71
C SER D 65 17.76 -1.10 47.59
N VAL D 66 16.84 -0.16 47.37
CA VAL D 66 15.43 -0.55 47.27
C VAL D 66 15.14 -1.22 45.92
N ILE D 67 15.92 -0.89 44.88
CA ILE D 67 15.84 -1.65 43.62
C ILE D 67 16.25 -3.11 43.84
N GLY D 68 17.32 -3.35 44.59
CA GLY D 68 17.73 -4.71 44.86
C GLY D 68 16.80 -5.44 45.82
N ASP D 69 16.13 -4.69 46.70
CA ASP D 69 15.17 -5.30 47.61
C ASP D 69 13.92 -5.75 46.85
N ARG D 70 13.40 -4.89 45.97
CA ARG D 70 12.29 -5.27 45.09
C ARG D 70 12.68 -6.43 44.17
N ARG D 71 13.91 -6.41 43.66
CA ARG D 71 14.40 -7.48 42.78
C ARG D 71 14.51 -8.80 43.54
N SER D 72 14.98 -8.77 44.78
CA SER D 72 15.02 -9.96 45.61
C SER D 72 13.62 -10.43 45.98
N ARG D 73 12.66 -9.51 46.08
CA ARG D 73 11.28 -9.90 46.33
C ARG D 73 10.68 -10.68 45.15
N GLU D 74 10.83 -10.15 43.92
CA GLU D 74 10.32 -10.93 42.79
C GLU D 74 11.16 -12.18 42.51
N GLN D 75 12.46 -12.19 42.84
CA GLN D 75 13.23 -13.42 42.73
C GLN D 75 12.78 -14.46 43.76
N LYS D 76 12.38 -14.02 44.95
CA LYS D 76 11.85 -14.93 45.95
C LYS D 76 10.52 -15.52 45.49
N ALA D 77 9.66 -14.70 44.88
CA ALA D 77 8.39 -15.22 44.36
C ALA D 77 8.61 -16.20 43.20
N LYS D 78 9.46 -15.83 42.24
CA LYS D 78 9.73 -16.67 41.09
C LYS D 78 10.50 -17.94 41.46
N GLN D 79 11.28 -17.91 42.53
CA GLN D 79 11.89 -19.12 43.04
C GLN D 79 10.87 -19.99 43.75
N GLU D 80 9.96 -19.35 44.50
CA GLU D 80 8.96 -20.09 45.28
C GLU D 80 7.97 -20.81 44.37
N ARG D 81 7.74 -20.28 43.16
CA ARG D 81 6.91 -20.99 42.17
C ARG D 81 7.47 -22.38 41.84
N GLU D 82 8.72 -22.43 41.39
CA GLU D 82 9.31 -23.71 41.00
C GLU D 82 9.64 -24.57 42.22
N LYS D 83 9.91 -23.95 43.37
CA LYS D 83 10.16 -24.74 44.57
C LYS D 83 8.89 -25.34 45.17
N GLU D 84 7.72 -24.74 44.94
CA GLU D 84 6.50 -25.42 45.38
C GLU D 84 6.02 -26.43 44.35
N LEU D 85 6.25 -26.17 43.06
CA LEU D 85 5.82 -27.15 42.07
C LEU D 85 6.89 -28.16 41.71
N ALA D 86 8.03 -28.19 42.42
CA ALA D 86 9.08 -29.13 42.08
C ALA D 86 8.76 -30.55 42.55
N LYS D 87 7.89 -30.70 43.55
CA LYS D 87 7.58 -32.02 44.11
C LYS D 87 6.32 -32.58 43.45
N VAL D 88 6.45 -32.83 42.15
CA VAL D 88 5.37 -33.39 41.34
C VAL D 88 5.90 -34.64 40.64
N THR D 89 5.21 -35.76 40.79
CA THR D 89 5.62 -36.99 40.13
C THR D 89 5.35 -36.91 38.63
N ILE D 90 6.15 -37.63 37.85
CA ILE D 90 6.09 -37.59 36.39
C ILE D 90 5.98 -39.03 35.89
N LYS D 91 4.90 -39.31 35.16
CA LYS D 91 4.73 -40.61 34.52
C LYS D 91 5.19 -40.51 33.07
N LYS D 92 5.69 -41.63 32.55
CA LYS D 92 6.39 -41.61 31.27
C LYS D 92 5.48 -41.87 30.08
N GLU D 93 4.53 -42.81 30.20
CA GLU D 93 3.73 -43.24 29.06
C GLU D 93 2.74 -42.17 28.61
N ASP D 94 2.06 -41.53 29.57
CA ASP D 94 1.15 -40.44 29.22
C ASP D 94 1.90 -39.22 28.68
N LEU D 95 3.09 -38.94 29.22
CA LEU D 95 3.91 -37.84 28.71
C LEU D 95 4.36 -38.11 27.29
N GLU D 96 4.76 -39.35 26.98
CA GLU D 96 5.17 -39.66 25.61
C GLU D 96 3.97 -39.71 24.67
N LEU D 97 2.79 -40.05 25.16
CA LEU D 97 1.58 -39.99 24.34
C LEU D 97 1.23 -38.54 23.98
N ILE D 98 1.30 -37.64 24.97
CA ILE D 98 1.10 -36.21 24.70
C ILE D 98 2.17 -35.69 23.77
N MET D 99 3.42 -36.13 23.95
CA MET D 99 4.53 -35.71 23.10
C MET D 99 4.35 -36.17 21.67
N THR D 100 3.72 -37.33 21.47
CA THR D 100 3.41 -37.80 20.13
C THR D 100 2.25 -36.99 19.54
N GLU D 101 1.29 -36.59 20.38
CA GLU D 101 0.04 -36.08 19.85
C GLU D 101 -0.05 -34.56 19.70
N MET D 102 0.90 -33.78 20.23
CA MET D 102 0.84 -32.34 20.01
C MET D 102 2.16 -31.65 19.69
N GLU D 103 3.30 -32.34 19.79
CA GLU D 103 4.57 -31.99 19.10
C GLU D 103 5.10 -30.61 19.52
N ILE D 104 5.54 -30.54 20.78
CA ILE D 104 6.35 -29.43 21.26
C ILE D 104 7.62 -30.01 21.89
N SER D 105 8.44 -29.14 22.48
CA SER D 105 9.62 -29.62 23.20
C SER D 105 9.21 -30.19 24.55
N ARG D 106 10.16 -30.85 25.22
CA ARG D 106 9.83 -31.55 26.46
C ARG D 106 9.68 -30.61 27.64
N ALA D 107 10.30 -29.43 27.57
CA ALA D 107 10.30 -28.52 28.72
C ALA D 107 8.93 -27.88 28.92
N ALA D 108 8.33 -27.35 27.84
CA ALA D 108 7.02 -26.73 27.94
C ALA D 108 5.93 -27.75 28.24
N ALA D 109 6.04 -28.96 27.67
CA ALA D 109 5.10 -30.03 28.00
C ALA D 109 5.24 -30.46 29.45
N GLU D 110 6.47 -30.44 29.97
CA GLU D 110 6.68 -30.75 31.38
C GLU D 110 6.10 -29.68 32.29
N ARG D 111 6.22 -28.41 31.90
CA ARG D 111 5.58 -27.32 32.63
C ARG D 111 4.06 -27.47 32.64
N SER D 112 3.48 -27.80 31.48
CA SER D 112 2.03 -27.93 31.38
C SER D 112 1.52 -29.16 32.12
N LEU D 113 2.33 -30.21 32.21
CA LEU D 113 1.88 -31.41 32.92
C LEU D 113 2.08 -31.29 34.42
N ARG D 114 3.12 -30.57 34.86
CA ARG D 114 3.29 -30.29 36.28
C ARG D 114 2.32 -29.23 36.79
N GLU D 115 1.81 -28.36 35.91
CA GLU D 115 0.93 -27.28 36.31
C GLU D 115 -0.53 -27.72 36.36
N HIS D 116 -0.85 -28.94 35.93
CA HIS D 116 -2.21 -29.44 35.92
C HIS D 116 -2.41 -30.63 36.85
N MET D 117 -1.65 -30.69 37.95
CA MET D 117 -1.82 -31.63 39.06
C MET D 117 -1.68 -33.10 38.65
N GLY D 118 -0.91 -33.38 37.59
CA GLY D 118 -0.61 -34.74 37.21
C GLY D 118 -1.71 -35.47 36.46
N ASN D 119 -2.85 -34.85 36.22
CA ASN D 119 -3.94 -35.49 35.51
C ASN D 119 -3.81 -35.18 34.02
N VAL D 120 -4.15 -36.17 33.19
CA VAL D 120 -3.90 -36.07 31.75
C VAL D 120 -5.06 -35.40 31.04
N VAL D 121 -6.28 -35.61 31.54
CA VAL D 121 -7.49 -35.31 30.75
C VAL D 121 -7.72 -33.81 30.65
N GLU D 122 -7.83 -33.12 31.79
CA GLU D 122 -8.06 -31.68 31.73
C GLU D 122 -6.80 -30.92 31.30
N ALA D 123 -5.61 -31.52 31.44
CA ALA D 123 -4.42 -30.95 30.84
C ALA D 123 -4.50 -30.98 29.33
N LEU D 124 -5.03 -32.06 28.76
CA LEU D 124 -5.24 -32.15 27.32
C LEU D 124 -6.34 -31.19 26.88
N ILE D 125 -7.35 -30.97 27.73
CA ILE D 125 -8.39 -30.00 27.43
C ILE D 125 -7.81 -28.58 27.40
N ALA D 126 -6.95 -28.26 28.38
CA ALA D 126 -6.36 -26.93 28.46
C ALA D 126 -5.34 -26.69 27.35
N LEU D 127 -4.63 -27.73 26.92
CA LEU D 127 -3.79 -27.58 25.73
C LEU D 127 -4.62 -27.55 24.46
N THR D 128 -5.85 -28.09 24.51
CA THR D 128 -6.77 -28.00 23.38
C THR D 128 -7.50 -26.66 23.37
N ASN D 129 -7.72 -26.06 24.54
CA ASN D 129 -8.31 -24.73 24.63
C ASN D 129 -7.35 -23.66 24.12
C1 IHP E . -5.38 -4.84 -4.51
C2 IHP E . -4.06 -4.16 -4.12
C3 IHP E . -3.27 -3.64 -5.33
C4 IHP E . -4.14 -2.78 -6.25
C5 IHP E . -5.36 -3.58 -6.71
C6 IHP E . -6.21 -4.03 -5.52
O11 IHP E . -5.09 -6.10 -5.06
P1 IHP E . -5.58 -7.43 -4.24
O21 IHP E . -6.74 -7.07 -3.34
O31 IHP E . -4.43 -7.96 -3.41
O41 IHP E . -6.01 -8.49 -5.22
O12 IHP E . -3.26 -5.09 -3.43
P2 IHP E . -2.58 -4.64 -2.01
O22 IHP E . -3.02 -5.59 -0.91
O32 IHP E . -1.07 -4.67 -2.12
O42 IHP E . -3.01 -3.24 -1.65
O13 IHP E . -2.17 -2.89 -4.88
P3 IHP E . -0.66 -3.48 -5.19
O23 IHP E . -0.29 -3.16 -6.62
O33 IHP E . 0.33 -2.86 -4.25
O43 IHP E . -0.67 -4.98 -5.01
O14 IHP E . -4.58 -1.66 -5.53
P4 IHP E . -4.10 -0.17 -6.00
O24 IHP E . -2.64 0.03 -5.67
O34 IHP E . -4.31 -0.02 -7.49
O44 IHP E . -4.92 0.88 -5.28
O15 IHP E . -6.14 -2.77 -7.57
P5 IHP E . -6.76 -3.46 -8.93
O25 IHP E . -8.24 -3.18 -9.01
O35 IHP E . -6.07 -2.91 -10.15
O45 IHP E . -6.54 -4.96 -8.87
O16 IHP E . -7.26 -4.85 -5.99
P6 IHP E . -8.79 -4.27 -5.91
O26 IHP E . -8.80 -2.79 -6.14
O36 IHP E . -9.63 -4.94 -6.98
O46 IHP E . -9.38 -4.57 -4.55
N1A ACO F . -0.54 18.37 -13.53
C2A ACO F . -1.37 18.70 -12.49
N3A ACO F . -0.84 19.21 -11.37
C4A ACO F . 0.50 19.44 -11.23
C5A ACO F . 1.30 19.11 -12.27
C6A ACO F . 0.76 18.57 -13.42
N6A ACO F . 1.32 18.10 -14.70
N7A ACO F . 2.57 19.40 -11.92
C8A ACO F . 2.55 19.91 -10.67
N9A ACO F . 1.27 19.94 -10.24
C1B ACO F . 0.93 20.43 -8.94
C2B ACO F . -0.10 21.31 -8.92
O2B ACO F . 0.25 22.46 -8.06
C3B ACO F . -1.25 20.52 -8.29
O3B ACO F . -2.12 21.33 -7.70
P3B ACO F . -3.52 21.67 -8.49
O7A ACO F . -3.28 21.71 -9.95
O8A ACO F . -4.04 23.05 -8.01
O9A ACO F . -4.58 20.57 -8.17
C4B ACO F . -0.49 19.58 -7.24
O4B ACO F . 0.56 19.19 -7.90
C5B ACO F . -1.33 18.38 -6.87
O5B ACO F . -0.60 17.22 -7.13
P1A ACO F . 0.24 16.48 -5.87
O1A ACO F . -0.73 15.71 -5.02
O2A ACO F . 0.94 17.51 -5.04
O3A ACO F . 1.35 15.44 -6.50
P2A ACO F . 0.89 13.97 -7.28
O4A ACO F . 0.02 13.18 -6.32
O5A ACO F . 0.08 14.29 -8.51
O6A ACO F . 2.27 13.06 -7.69
CBP ACO F . 3.31 11.66 -9.30
CCP ACO F . 2.64 12.99 -9.02
CDP ACO F . 3.60 11.61 -10.82
CEP ACO F . 2.29 10.52 -8.90
CAP ACO F . 4.63 11.60 -8.47
OAP ACO F . 4.32 11.47 -7.14
C9P ACO F . 5.64 10.47 -8.85
O9P ACO F . 5.30 9.35 -9.17
N8P ACO F . 7.08 10.76 -8.79
C7P ACO F . 7.52 12.07 -8.39
C6P ACO F . 8.31 11.97 -7.09
C5P ACO F . 9.41 10.86 -7.29
O5P ACO F . 9.13 9.73 -7.15
N4P ACO F . 10.80 11.25 -7.66
C3P ACO F . 11.83 10.22 -7.84
C2P ACO F . 13.20 10.91 -8.16
S1P ACO F . 13.25 12.53 -7.34
C ACO F . 13.08 12.30 -5.54
O ACO F . 12.29 12.94 -4.93
CH3 ACO F . 13.95 11.30 -4.83
#